data_1MKF
#
_entry.id   1MKF
#
_cell.length_a   140.900
_cell.length_b   67.300
_cell.length_c   93.900
_cell.angle_alpha   90.00
_cell.angle_beta   120.40
_cell.angle_gamma   90.00
#
_symmetry.space_group_name_H-M   'C 1 2 1'
#
loop_
_entity.id
_entity.type
_entity.pdbx_description
1 polymer M3
2 water water
#
_entity_poly.entity_id   1
_entity_poly.type   'polypeptide(L)'
_entity_poly.pdbx_seq_one_letter_code
;LTLGLAPALSTHSSGVSTQSVDLSQIKRGDEIQAHCLTPAETEVTECAGILKDVLSKNLHELQGLCNVKNKMGVPWVSVE
ELGQEIITGRLPFPSVGGTPVNDLVRVLVVAESNTPEETPEEEFYAYVELQTELYTFGLSDDNVVFTSDYMTVWMIDIPK
SYVDVGMLTRATFLEQWPGAKVTVMIPYSSTFTWCGELGAISEESAPQPSLSARSPVCKNSARYSTSKFCEVDGCTAETG
MEKMSLLTPFGGPPQQAKMNTCPCYYKYSVSPLPAMDHLILADLAGLDSLTSPVYVMAAYFDSTHENPVRPSSKLYHCAL
QMTSHDGVWTSTSSEQCPIRLVEGQSQNVLQVRVAPTSMPNLVGVSLMLEGQQYRLEYFGDH
;
_entity_poly.pdbx_strand_id   A,B
#
# COMPACT_ATOMS: atom_id res chain seq x y z
N HIS A 12 -17.43 28.28 -5.19
CA HIS A 12 -17.36 27.98 -6.65
C HIS A 12 -17.30 26.47 -6.91
N SER A 13 -16.64 26.09 -8.01
CA SER A 13 -16.53 24.68 -8.37
C SER A 13 -15.37 23.95 -7.68
N SER A 14 -14.44 24.69 -7.12
CA SER A 14 -13.31 24.10 -6.44
C SER A 14 -12.70 25.07 -5.44
N GLY A 15 -11.92 24.52 -4.51
CA GLY A 15 -11.26 25.35 -3.51
C GLY A 15 -11.05 24.63 -2.20
N VAL A 16 -10.42 25.33 -1.26
CA VAL A 16 -10.15 24.79 0.07
C VAL A 16 -10.68 25.81 1.06
N SER A 17 -11.48 25.35 2.02
CA SER A 17 -12.02 26.24 3.05
C SER A 17 -11.78 25.61 4.42
N THR A 18 -11.72 26.46 5.43
CA THR A 18 -11.50 25.99 6.80
C THR A 18 -12.54 26.60 7.75
N GLN A 19 -12.61 26.06 8.96
CA GLN A 19 -13.54 26.59 9.95
C GLN A 19 -13.36 25.87 11.26
N SER A 20 -13.74 26.52 12.35
CA SER A 20 -13.65 25.92 13.66
C SER A 20 -14.82 24.98 13.80
N VAL A 21 -14.65 23.95 14.62
CA VAL A 21 -15.73 22.99 14.84
C VAL A 21 -15.93 22.84 16.34
N ASP A 22 -17.16 23.10 16.77
CA ASP A 22 -17.53 23.00 18.19
C ASP A 22 -18.75 22.09 18.25
N LEU A 23 -18.57 20.88 18.74
CA LEU A 23 -19.69 19.94 18.82
C LEU A 23 -20.85 20.46 19.68
N SER A 24 -20.72 21.70 20.15
CA SER A 24 -21.76 22.33 20.97
C SER A 24 -22.83 22.96 20.10
N GLN A 25 -22.40 23.59 19.02
CA GLN A 25 -23.32 24.27 18.10
C GLN A 25 -24.01 23.30 17.15
N ILE A 26 -23.50 22.08 17.10
CA ILE A 26 -24.07 21.08 16.22
C ILE A 26 -25.07 20.20 16.96
N LYS A 27 -26.30 20.16 16.45
CA LYS A 27 -27.36 19.39 17.08
C LYS A 27 -26.95 17.92 17.20
N ARG A 28 -26.71 17.49 18.43
CA ARG A 28 -26.31 16.13 18.72
C ARG A 28 -24.97 15.79 18.05
N GLY A 29 -24.06 16.76 18.04
CA GLY A 29 -22.76 16.58 17.42
C GLY A 29 -21.98 15.43 18.05
N ASP A 30 -21.94 15.43 19.38
CA ASP A 30 -21.24 14.41 20.13
C ASP A 30 -21.70 13.01 19.74
N GLU A 31 -23.01 12.81 19.60
CA GLU A 31 -23.53 11.51 19.23
C GLU A 31 -23.16 11.18 17.78
N ILE A 32 -23.17 12.20 16.93
CA ILE A 32 -22.84 12.00 15.52
C ILE A 32 -21.39 11.53 15.40
N GLN A 33 -20.50 12.29 16.02
CA GLN A 33 -19.08 11.98 15.99
C GLN A 33 -18.80 10.62 16.63
N ALA A 34 -19.46 10.36 17.76
CA ALA A 34 -19.26 9.11 18.47
C ALA A 34 -19.92 7.90 17.83
N HIS A 35 -20.89 8.11 16.95
CA HIS A 35 -21.57 6.96 16.35
C HIS A 35 -21.54 6.89 14.84
N CYS A 36 -21.26 8.02 14.19
CA CYS A 36 -21.22 8.05 12.73
C CYS A 36 -19.81 8.32 12.18
N LEU A 37 -18.96 8.92 13.00
CA LEU A 37 -17.60 9.24 12.60
C LEU A 37 -16.55 8.61 13.50
N THR A 38 -16.90 7.47 14.08
CA THR A 38 -16.01 6.72 14.96
C THR A 38 -16.40 5.24 14.85
N PRO A 39 -15.44 4.36 14.55
CA PRO A 39 -15.84 2.95 14.46
C PRO A 39 -16.38 2.45 15.80
N ALA A 40 -17.64 2.05 15.78
CA ALA A 40 -18.33 1.54 16.96
C ALA A 40 -19.31 0.45 16.51
N GLU A 41 -20.59 0.60 16.84
CA GLU A 41 -21.60 -0.40 16.44
C GLU A 41 -21.47 -0.66 14.94
N THR A 42 -21.34 -1.92 14.56
CA THR A 42 -21.22 -2.28 13.15
C THR A 42 -22.55 -2.37 12.43
N GLU A 43 -23.56 -1.71 12.97
CA GLU A 43 -24.88 -1.69 12.34
C GLU A 43 -25.38 -0.26 12.21
N VAL A 44 -25.77 0.11 11.00
CA VAL A 44 -26.27 1.43 10.67
C VAL A 44 -27.27 2.00 11.67
N THR A 45 -27.98 1.11 12.36
CA THR A 45 -29.00 1.49 13.33
C THR A 45 -28.70 2.75 14.14
N GLU A 46 -27.75 2.65 15.06
CA GLU A 46 -27.37 3.76 15.93
C GLU A 46 -27.09 5.08 15.23
N CYS A 47 -26.35 5.05 14.11
CA CYS A 47 -26.04 6.29 13.40
C CYS A 47 -27.25 6.83 12.63
N ALA A 48 -27.96 5.93 11.93
CA ALA A 48 -29.13 6.33 11.15
C ALA A 48 -30.15 7.03 12.05
N GLY A 49 -30.28 6.54 13.28
CA GLY A 49 -31.22 7.12 14.21
C GLY A 49 -30.89 8.58 14.43
N ILE A 50 -29.64 8.86 14.77
CA ILE A 50 -29.21 10.22 15.02
C ILE A 50 -29.45 11.12 13.80
N LEU A 51 -29.00 10.66 12.64
CA LEU A 51 -29.16 11.43 11.41
C LEU A 51 -30.63 11.63 11.00
N LYS A 52 -31.44 10.59 11.17
CA LYS A 52 -32.86 10.67 10.83
C LYS A 52 -33.47 11.88 11.53
N ASP A 53 -33.11 12.05 12.80
CA ASP A 53 -33.59 13.16 13.60
C ASP A 53 -32.93 14.49 13.21
N VAL A 54 -31.60 14.53 13.30
CA VAL A 54 -30.83 15.74 12.99
C VAL A 54 -30.91 16.26 11.55
N LEU A 55 -30.71 15.38 10.57
CA LEU A 55 -30.72 15.81 9.18
C LEU A 55 -32.08 16.16 8.59
N SER A 56 -33.15 15.68 9.20
CA SER A 56 -34.50 15.99 8.72
C SER A 56 -34.80 17.43 9.10
N LYS A 57 -34.11 17.91 10.13
CA LYS A 57 -34.29 19.27 10.61
C LYS A 57 -33.39 20.19 9.79
N ASN A 58 -32.14 19.78 9.60
CA ASN A 58 -31.18 20.55 8.81
C ASN A 58 -30.39 19.60 7.93
N LEU A 59 -30.93 19.36 6.75
CA LEU A 59 -30.36 18.47 5.76
C LEU A 59 -28.83 18.55 5.59
N HIS A 60 -28.26 19.73 5.78
CA HIS A 60 -26.81 19.92 5.62
C HIS A 60 -26.03 20.12 6.92
N GLU A 61 -26.55 19.57 8.01
CA GLU A 61 -25.90 19.69 9.30
C GLU A 61 -24.44 19.23 9.26
N LEU A 62 -24.22 18.04 8.72
CA LEU A 62 -22.86 17.47 8.66
C LEU A 62 -21.73 18.43 8.24
N GLN A 63 -22.02 19.38 7.36
CA GLN A 63 -20.99 20.33 6.92
C GLN A 63 -20.32 21.05 8.09
N GLY A 64 -21.03 21.17 9.20
CA GLY A 64 -20.47 21.85 10.37
C GLY A 64 -19.35 21.08 11.03
N LEU A 65 -19.28 19.79 10.75
CA LEU A 65 -18.26 18.92 11.31
C LEU A 65 -16.96 18.97 10.51
N CYS A 66 -16.99 19.59 9.33
CA CYS A 66 -15.79 19.67 8.51
C CYS A 66 -14.86 20.80 8.97
N ASN A 67 -13.70 20.45 9.53
CA ASN A 67 -12.75 21.47 9.96
C ASN A 67 -12.14 22.05 8.69
N VAL A 68 -11.96 21.20 7.69
CA VAL A 68 -11.41 21.61 6.40
C VAL A 68 -12.27 20.96 5.31
N LYS A 69 -12.53 21.72 4.25
CA LYS A 69 -13.30 21.22 3.11
C LYS A 69 -12.45 21.48 1.86
N ASN A 70 -12.18 20.41 1.11
CA ASN A 70 -11.36 20.52 -0.09
C ASN A 70 -12.19 19.98 -1.24
N LYS A 71 -12.54 20.84 -2.19
CA LYS A 71 -13.35 20.37 -3.30
C LYS A 71 -12.79 20.60 -4.67
N MET A 72 -13.14 19.71 -5.59
CA MET A 72 -12.68 19.79 -6.96
C MET A 72 -13.90 19.75 -7.88
N GLY A 73 -13.77 20.39 -9.04
CA GLY A 73 -14.87 20.38 -9.99
C GLY A 73 -14.54 19.28 -10.96
N VAL A 74 -15.42 18.29 -11.09
CA VAL A 74 -15.18 17.19 -12.00
C VAL A 74 -16.32 17.01 -13.01
N PRO A 75 -15.98 16.91 -14.29
CA PRO A 75 -16.88 16.74 -15.44
C PRO A 75 -17.71 15.47 -15.46
N TRP A 76 -18.97 15.60 -15.86
CA TRP A 76 -19.83 14.43 -15.98
C TRP A 76 -19.23 13.56 -17.07
N VAL A 77 -19.25 12.26 -16.88
CA VAL A 77 -18.75 11.34 -17.91
C VAL A 77 -19.92 10.41 -18.26
N SER A 78 -20.40 10.51 -19.49
CA SER A 78 -21.52 9.69 -19.92
C SER A 78 -21.16 8.24 -20.26
N VAL A 79 -21.98 7.32 -19.78
CA VAL A 79 -21.83 5.91 -20.07
C VAL A 79 -23.15 5.56 -20.70
N GLU A 80 -23.45 6.25 -21.80
CA GLU A 80 -24.67 6.04 -22.56
C GLU A 80 -25.04 4.56 -22.63
N GLU A 81 -24.02 3.71 -22.84
CA GLU A 81 -24.21 2.26 -22.95
C GLU A 81 -25.10 1.73 -21.84
N LEU A 82 -24.77 2.12 -20.61
CA LEU A 82 -25.50 1.69 -19.44
C LEU A 82 -26.53 2.72 -19.00
N GLY A 83 -26.58 3.85 -19.71
CA GLY A 83 -27.53 4.88 -19.33
C GLY A 83 -27.09 5.52 -18.02
N GLN A 84 -25.78 5.65 -17.86
CA GLN A 84 -25.24 6.24 -16.64
C GLN A 84 -24.51 7.56 -16.86
N GLU A 85 -24.45 8.35 -15.78
CA GLU A 85 -23.75 9.63 -15.78
C GLU A 85 -22.85 9.51 -14.55
N ILE A 86 -21.55 9.53 -14.78
CA ILE A 86 -20.61 9.35 -13.69
C ILE A 86 -19.58 10.44 -13.45
N ILE A 87 -19.20 10.62 -12.19
CA ILE A 87 -18.15 11.56 -11.86
C ILE A 87 -17.15 10.82 -10.98
N THR A 88 -15.87 10.98 -11.28
CA THR A 88 -14.81 10.34 -10.52
C THR A 88 -13.76 11.38 -10.18
N GLY A 89 -12.97 11.11 -9.14
CA GLY A 89 -11.95 12.04 -8.75
C GLY A 89 -11.02 11.47 -7.71
N ARG A 90 -9.75 11.88 -7.80
CA ARG A 90 -8.73 11.45 -6.85
C ARG A 90 -8.55 12.57 -5.82
N LEU A 91 -9.28 12.47 -4.71
CA LEU A 91 -9.20 13.49 -3.66
C LEU A 91 -7.77 13.69 -3.17
N PRO A 92 -7.38 14.94 -2.93
CA PRO A 92 -6.02 15.22 -2.44
C PRO A 92 -5.97 14.95 -0.94
N PHE A 93 -6.02 13.69 -0.54
CA PHE A 93 -5.96 13.34 0.87
C PHE A 93 -4.76 14.08 1.47
N PRO A 94 -5.01 14.84 2.54
CA PRO A 94 -4.06 15.67 3.30
C PRO A 94 -2.84 15.01 3.94
N SER A 95 -2.92 13.73 4.24
CA SER A 95 -1.79 13.07 4.87
C SER A 95 -1.81 11.57 4.67
N VAL A 96 -0.67 10.94 4.90
CA VAL A 96 -0.59 9.48 4.80
C VAL A 96 -1.68 8.92 5.72
N GLY A 97 -2.51 8.01 5.20
CA GLY A 97 -3.60 7.44 5.97
C GLY A 97 -3.19 6.58 7.16
N GLY A 98 -2.25 5.65 6.94
CA GLY A 98 -1.80 4.80 8.03
C GLY A 98 -1.01 3.59 7.54
N THR A 99 -0.55 2.76 8.48
CA THR A 99 0.18 1.55 8.12
C THR A 99 -0.80 0.40 8.34
N PRO A 100 -0.46 -0.81 7.85
CA PRO A 100 -1.34 -1.96 8.01
C PRO A 100 -1.70 -2.19 9.48
N VAL A 101 -0.85 -1.67 10.37
CA VAL A 101 -1.06 -1.82 11.81
C VAL A 101 -2.01 -0.77 12.44
N ASN A 102 -2.49 0.20 11.66
CA ASN A 102 -3.43 1.17 12.22
C ASN A 102 -4.80 0.51 12.26
N ASP A 103 -5.72 1.11 13.00
CA ASP A 103 -7.08 0.59 13.12
C ASP A 103 -7.93 1.10 11.97
N LEU A 104 -9.25 1.07 12.14
CA LEU A 104 -10.17 1.53 11.11
C LEU A 104 -10.52 3.00 11.31
N VAL A 105 -11.15 3.58 10.29
CA VAL A 105 -11.61 4.95 10.36
C VAL A 105 -13.04 4.86 9.85
N ARG A 106 -13.98 5.48 10.54
CA ARG A 106 -15.38 5.44 10.08
C ARG A 106 -15.61 6.64 9.18
N VAL A 107 -15.93 6.36 7.93
CA VAL A 107 -16.15 7.42 6.96
C VAL A 107 -17.63 7.60 6.62
N LEU A 108 -17.99 8.85 6.36
CA LEU A 108 -19.35 9.20 5.99
C LEU A 108 -19.23 9.69 4.57
N VAL A 109 -20.08 9.19 3.69
CA VAL A 109 -20.09 9.61 2.30
C VAL A 109 -21.46 10.22 1.98
N VAL A 110 -21.46 11.42 1.42
CA VAL A 110 -22.69 12.11 1.09
C VAL A 110 -22.84 12.38 -0.42
N ALA A 111 -23.95 11.93 -1.00
CA ALA A 111 -24.23 12.17 -2.41
C ALA A 111 -25.49 13.03 -2.38
N GLU A 112 -25.54 14.06 -3.22
CA GLU A 112 -26.69 14.94 -3.24
C GLU A 112 -26.78 15.78 -4.51
N SER A 113 -27.89 16.51 -4.65
CA SER A 113 -28.11 17.39 -5.79
C SER A 113 -29.13 18.45 -5.40
N ASN A 114 -29.31 19.44 -6.28
CA ASN A 114 -30.29 20.48 -6.01
C ASN A 114 -31.65 19.81 -6.15
N THR A 115 -32.64 20.28 -5.41
CA THR A 115 -33.98 19.73 -5.54
C THR A 115 -34.66 20.60 -6.59
N PRO A 116 -35.08 20.00 -7.71
CA PRO A 116 -35.74 20.76 -8.78
C PRO A 116 -37.16 21.13 -8.37
N GLU A 117 -37.71 22.18 -8.99
CA GLU A 117 -39.07 22.60 -8.68
C GLU A 117 -40.06 21.65 -9.34
N GLU A 118 -39.71 21.23 -10.54
CA GLU A 118 -40.53 20.30 -11.31
C GLU A 118 -40.12 18.86 -10.95
N THR A 119 -41.08 18.06 -10.51
CA THR A 119 -40.78 16.67 -10.16
C THR A 119 -40.28 15.94 -11.39
N PRO A 120 -39.10 15.31 -11.29
CA PRO A 120 -38.49 14.57 -12.39
C PRO A 120 -39.13 13.20 -12.63
N GLU A 121 -38.80 12.61 -13.78
CA GLU A 121 -39.32 11.30 -14.15
C GLU A 121 -38.84 10.27 -13.15
N GLU A 122 -37.53 10.09 -13.08
CA GLU A 122 -36.92 9.11 -12.17
C GLU A 122 -36.48 9.73 -10.85
N GLU A 123 -36.28 8.90 -9.85
CA GLU A 123 -35.85 9.36 -8.54
C GLU A 123 -34.34 9.57 -8.50
N PHE A 124 -33.90 10.43 -7.57
CA PHE A 124 -32.49 10.71 -7.40
C PHE A 124 -31.84 9.39 -7.01
N TYR A 125 -30.86 8.95 -7.79
CA TYR A 125 -30.16 7.71 -7.49
C TYR A 125 -28.67 7.88 -7.66
N ALA A 126 -27.91 7.36 -6.71
CA ALA A 126 -26.46 7.45 -6.75
C ALA A 126 -25.81 6.27 -6.08
N TYR A 127 -24.79 5.73 -6.73
CA TYR A 127 -24.02 4.62 -6.21
C TYR A 127 -22.57 5.10 -6.11
N VAL A 128 -22.04 5.12 -4.90
CA VAL A 128 -20.67 5.58 -4.67
C VAL A 128 -19.74 4.47 -4.23
N GLU A 129 -18.58 4.39 -4.86
CA GLU A 129 -17.60 3.39 -4.48
C GLU A 129 -16.22 4.03 -4.31
N LEU A 130 -15.42 3.46 -3.42
CA LEU A 130 -14.08 3.97 -3.20
C LEU A 130 -13.14 2.84 -3.64
N GLN A 131 -12.52 2.97 -4.80
CA GLN A 131 -11.62 1.92 -5.22
C GLN A 131 -10.20 2.29 -4.91
N THR A 132 -9.51 1.33 -4.32
CA THR A 132 -8.13 1.49 -3.96
C THR A 132 -7.42 0.68 -5.01
N GLU A 133 -6.10 0.57 -4.92
CA GLU A 133 -5.33 -0.17 -5.90
C GLU A 133 -5.82 -1.61 -6.14
N LEU A 134 -6.16 -2.34 -5.09
CA LEU A 134 -6.59 -3.73 -5.22
C LEU A 134 -8.07 -4.00 -4.95
N TYR A 135 -8.61 -3.30 -3.95
CA TYR A 135 -9.98 -3.50 -3.51
C TYR A 135 -10.89 -2.29 -3.68
N THR A 136 -12.14 -2.55 -4.08
CA THR A 136 -13.11 -1.47 -4.22
C THR A 136 -14.19 -1.60 -3.16
N PHE A 137 -14.33 -0.56 -2.34
CA PHE A 137 -15.34 -0.55 -1.29
C PHE A 137 -16.60 0.08 -1.88
N GLY A 138 -17.67 -0.69 -1.97
CA GLY A 138 -18.92 -0.16 -2.51
C GLY A 138 -19.87 0.27 -1.43
N LEU A 139 -20.46 1.46 -1.58
CA LEU A 139 -21.43 1.96 -0.60
C LEU A 139 -22.81 1.49 -1.06
N SER A 140 -23.29 0.41 -0.44
CA SER A 140 -24.57 -0.17 -0.78
C SER A 140 -25.71 0.28 0.13
N ASP A 141 -26.91 -0.21 -0.13
CA ASP A 141 -28.07 0.14 0.69
C ASP A 141 -27.81 -0.26 2.14
N ASP A 142 -26.99 -1.29 2.33
CA ASP A 142 -26.65 -1.75 3.67
C ASP A 142 -25.68 -0.81 4.36
N ASN A 143 -25.29 0.25 3.67
CA ASN A 143 -24.37 1.24 4.23
C ASN A 143 -25.10 2.57 4.36
N VAL A 144 -26.40 2.56 4.07
CA VAL A 144 -27.19 3.77 4.17
C VAL A 144 -27.57 4.08 5.60
N VAL A 145 -27.30 5.32 6.02
CA VAL A 145 -27.61 5.79 7.36
C VAL A 145 -28.57 6.99 7.32
N PHE A 146 -28.92 7.43 6.11
CA PHE A 146 -29.85 8.54 5.93
C PHE A 146 -30.21 8.75 4.47
N THR A 147 -31.50 8.91 4.21
CA THR A 147 -31.95 9.09 2.84
C THR A 147 -33.12 10.07 2.75
N SER A 148 -33.07 10.92 1.73
CA SER A 148 -34.10 11.91 1.47
C SER A 148 -34.28 11.99 -0.04
N ASP A 149 -35.16 12.88 -0.50
CA ASP A 149 -35.42 13.00 -1.93
C ASP A 149 -34.18 13.28 -2.76
N TYR A 150 -33.25 14.08 -2.24
CA TYR A 150 -32.06 14.40 -3.00
C TYR A 150 -30.76 14.37 -2.22
N MET A 151 -30.68 13.44 -1.28
CA MET A 151 -29.49 13.26 -0.48
C MET A 151 -29.48 11.91 0.20
N THR A 152 -28.37 11.21 0.05
CA THR A 152 -28.21 9.91 0.69
C THR A 152 -26.89 10.01 1.45
N VAL A 153 -26.86 9.45 2.65
CA VAL A 153 -25.64 9.45 3.45
C VAL A 153 -25.30 8.01 3.77
N TRP A 154 -24.05 7.64 3.52
CA TRP A 154 -23.58 6.27 3.79
C TRP A 154 -22.47 6.29 4.84
N MET A 155 -22.29 5.17 5.51
CA MET A 155 -21.28 5.04 6.55
C MET A 155 -20.57 3.70 6.34
N ILE A 156 -19.25 3.69 6.58
CA ILE A 156 -18.47 2.47 6.42
C ILE A 156 -17.13 2.59 7.17
N ASP A 157 -16.63 1.46 7.67
CA ASP A 157 -15.35 1.43 8.39
C ASP A 157 -14.30 0.85 7.47
N ILE A 158 -13.19 1.57 7.31
CA ILE A 158 -12.12 1.16 6.44
C ILE A 158 -10.75 1.32 7.11
N PRO A 159 -9.87 0.33 6.95
CA PRO A 159 -8.56 0.47 7.58
C PRO A 159 -8.01 1.81 7.11
N LYS A 160 -7.39 2.57 8.01
CA LYS A 160 -6.84 3.87 7.65
C LYS A 160 -5.83 3.82 6.52
N SER A 161 -5.12 2.70 6.39
CA SER A 161 -4.11 2.54 5.36
C SER A 161 -4.62 2.82 3.96
N TYR A 162 -5.87 2.45 3.69
CA TYR A 162 -6.50 2.63 2.38
C TYR A 162 -6.80 4.07 2.04
N VAL A 163 -7.10 4.86 3.06
CA VAL A 163 -7.46 6.26 2.88
C VAL A 163 -6.22 7.10 2.60
N ASP A 164 -5.87 7.18 1.32
CA ASP A 164 -4.69 7.94 0.93
C ASP A 164 -4.71 8.10 -0.58
N VAL A 165 -3.79 8.91 -1.09
CA VAL A 165 -3.67 9.13 -2.51
C VAL A 165 -3.69 7.75 -3.18
N GLY A 166 -4.46 7.61 -4.26
CA GLY A 166 -4.54 6.32 -4.89
C GLY A 166 -5.91 5.71 -4.61
N MET A 167 -6.71 6.41 -3.81
CA MET A 167 -8.06 5.95 -3.57
C MET A 167 -8.89 6.80 -4.49
N LEU A 168 -9.57 6.15 -5.43
CA LEU A 168 -10.41 6.87 -6.39
C LEU A 168 -11.85 6.86 -5.90
N THR A 169 -12.51 8.02 -5.97
CA THR A 169 -13.92 8.13 -5.58
C THR A 169 -14.76 8.15 -6.86
N ARG A 170 -15.68 7.19 -7.00
CA ARG A 170 -16.53 7.13 -8.18
C ARG A 170 -17.99 7.19 -7.74
N ALA A 171 -18.77 8.04 -8.40
CA ALA A 171 -20.19 8.21 -8.09
C ALA A 171 -21.00 8.02 -9.38
N THR A 172 -21.83 6.99 -9.41
CA THR A 172 -22.63 6.70 -10.60
C THR A 172 -24.07 7.19 -10.44
N PHE A 173 -24.50 8.05 -11.36
CA PHE A 173 -25.88 8.56 -11.36
C PHE A 173 -26.57 8.05 -12.63
N LEU A 174 -27.83 8.39 -12.80
CA LEU A 174 -28.58 7.99 -13.99
C LEU A 174 -28.98 9.21 -14.78
N GLU A 175 -28.70 10.39 -14.23
CA GLU A 175 -29.00 11.66 -14.86
C GLU A 175 -27.92 12.64 -14.41
N GLN A 176 -27.68 13.71 -15.17
CA GLN A 176 -26.68 14.69 -14.77
C GLN A 176 -27.38 15.73 -13.90
N TRP A 177 -27.84 15.29 -12.72
CA TRP A 177 -28.54 16.15 -11.78
C TRP A 177 -27.80 17.45 -11.49
N PRO A 178 -28.51 18.59 -11.59
CA PRO A 178 -27.91 19.90 -11.33
C PRO A 178 -27.45 20.01 -9.88
N GLY A 179 -26.25 20.54 -9.68
CA GLY A 179 -25.73 20.69 -8.33
C GLY A 179 -25.26 19.40 -7.69
N ALA A 180 -25.15 18.35 -8.49
CA ALA A 180 -24.70 17.06 -8.00
C ALA A 180 -23.30 17.12 -7.39
N LYS A 181 -23.16 16.58 -6.20
CA LYS A 181 -21.87 16.56 -5.54
C LYS A 181 -21.75 15.43 -4.54
N VAL A 182 -20.54 14.92 -4.40
CA VAL A 182 -20.25 13.84 -3.47
C VAL A 182 -19.21 14.33 -2.49
N THR A 183 -19.42 14.02 -1.22
CA THR A 183 -18.50 14.42 -0.17
C THR A 183 -18.09 13.23 0.70
N VAL A 184 -16.79 13.15 0.98
CA VAL A 184 -16.27 12.09 1.82
C VAL A 184 -15.70 12.76 3.06
N MET A 185 -16.27 12.43 4.22
CA MET A 185 -15.84 13.00 5.49
C MET A 185 -14.84 12.06 6.13
N ILE A 186 -13.64 12.56 6.41
CA ILE A 186 -12.62 11.72 6.98
C ILE A 186 -12.07 12.19 8.31
N PRO A 187 -12.40 11.47 9.39
CA PRO A 187 -11.90 11.87 10.70
C PRO A 187 -10.43 11.43 10.80
N TYR A 188 -9.51 12.35 11.08
CA TYR A 188 -8.11 11.99 11.24
C TYR A 188 -7.77 11.93 12.72
N SER A 189 -8.65 12.48 13.53
CA SER A 189 -8.48 12.48 14.98
C SER A 189 -9.84 12.79 15.58
N SER A 190 -9.94 12.76 16.89
CA SER A 190 -11.20 13.04 17.57
C SER A 190 -11.60 14.50 17.43
N THR A 191 -10.64 15.35 17.07
CA THR A 191 -10.93 16.76 16.94
C THR A 191 -10.65 17.35 15.55
N PHE A 192 -10.42 16.49 14.55
CA PHE A 192 -10.17 16.98 13.20
C PHE A 192 -10.79 16.08 12.14
N THR A 193 -11.57 16.71 11.28
CA THR A 193 -12.24 16.01 10.21
C THR A 193 -12.01 16.77 8.93
N TRP A 194 -11.59 16.02 7.90
CA TRP A 194 -11.29 16.60 6.59
C TRP A 194 -12.31 16.08 5.59
N CYS A 195 -12.92 17.01 4.85
CA CYS A 195 -13.94 16.63 3.89
C CYS A 195 -13.54 16.83 2.43
N GLY A 196 -13.47 15.73 1.70
CA GLY A 196 -13.11 15.78 0.30
C GLY A 196 -14.38 15.84 -0.50
N GLU A 197 -14.49 16.85 -1.37
CA GLU A 197 -15.68 17.02 -2.18
C GLU A 197 -15.47 17.03 -3.68
N LEU A 198 -16.39 16.38 -4.37
CA LEU A 198 -16.38 16.31 -5.81
C LEU A 198 -17.64 17.04 -6.27
N GLY A 199 -17.45 18.13 -6.99
CA GLY A 199 -18.57 18.88 -7.49
C GLY A 199 -18.68 18.67 -8.98
N ALA A 200 -19.81 18.11 -9.42
CA ALA A 200 -20.01 17.84 -10.84
C ALA A 200 -20.07 19.12 -11.68
N ILE A 201 -19.34 19.14 -12.78
CA ILE A 201 -19.39 20.30 -13.66
C ILE A 201 -19.65 19.82 -15.08
N SER A 202 -19.88 20.78 -15.98
CA SER A 202 -20.16 20.49 -17.38
C SER A 202 -19.33 19.34 -17.95
N GLU A 203 -20.00 18.51 -18.74
CA GLU A 203 -19.40 17.37 -19.41
C GLU A 203 -18.27 17.84 -20.31
N GLU A 204 -18.39 19.08 -20.77
CA GLU A 204 -17.42 19.72 -21.68
C GLU A 204 -16.17 20.27 -20.99
N SER A 205 -16.30 20.57 -19.71
CA SER A 205 -15.19 21.17 -18.98
C SER A 205 -14.05 20.25 -18.59
N ALA A 206 -12.89 20.85 -18.37
CA ALA A 206 -11.73 20.10 -17.92
C ALA A 206 -11.90 20.12 -16.42
N PRO A 207 -11.38 19.10 -15.72
CA PRO A 207 -11.50 19.07 -14.25
C PRO A 207 -10.90 20.34 -13.64
N GLN A 208 -11.42 20.72 -12.48
CA GLN A 208 -10.95 21.90 -11.78
C GLN A 208 -10.50 21.47 -10.39
N PRO A 209 -9.24 20.99 -10.26
CA PRO A 209 -8.79 20.59 -8.93
C PRO A 209 -8.51 21.84 -8.11
N SER A 210 -8.50 21.69 -6.79
CA SER A 210 -8.22 22.79 -5.88
C SER A 210 -6.71 22.96 -5.84
N LEU A 211 -6.23 24.03 -5.21
CA LEU A 211 -4.80 24.26 -5.09
C LEU A 211 -4.29 23.40 -3.93
N SER A 212 -4.14 22.10 -4.20
CA SER A 212 -3.67 21.13 -3.21
C SER A 212 -2.48 20.41 -3.81
N ALA A 213 -1.34 20.48 -3.11
CA ALA A 213 -0.12 19.85 -3.58
C ALA A 213 0.40 18.85 -2.58
N ARG A 214 1.29 17.99 -3.07
CA ARG A 214 1.92 16.93 -2.29
C ARG A 214 3.40 17.09 -2.62
N SER A 215 4.17 17.55 -1.63
CA SER A 215 5.59 17.81 -1.85
C SER A 215 6.58 16.95 -1.08
N PRO A 216 7.41 16.19 -1.81
CA PRO A 216 8.43 15.32 -1.20
C PRO A 216 9.60 16.21 -0.81
N VAL A 217 9.56 16.66 0.45
CA VAL A 217 10.57 17.55 0.98
C VAL A 217 12.00 17.00 0.91
N CYS A 218 12.12 15.71 1.20
CA CYS A 218 13.42 15.04 1.19
C CYS A 218 13.56 14.14 -0.04
N LYS A 219 13.46 14.72 -1.24
CA LYS A 219 13.62 13.92 -2.47
C LYS A 219 15.02 13.33 -2.44
N ASN A 220 15.12 12.02 -2.64
CA ASN A 220 16.41 11.32 -2.59
C ASN A 220 16.88 11.41 -1.15
N SER A 221 16.15 10.72 -0.27
CA SER A 221 16.42 10.70 1.16
C SER A 221 17.80 10.19 1.54
N ALA A 222 18.42 9.44 0.63
CA ALA A 222 19.75 8.91 0.90
C ALA A 222 20.80 10.03 0.92
N ARG A 223 20.52 11.12 0.22
CA ARG A 223 21.42 12.27 0.15
C ARG A 223 21.56 13.04 1.48
N TYR A 224 20.67 12.72 2.43
CA TYR A 224 20.68 13.34 3.74
C TYR A 224 21.21 12.33 4.74
N SER A 225 21.96 11.36 4.22
CA SER A 225 22.53 10.29 5.03
C SER A 225 23.65 10.73 5.98
N THR A 226 24.40 11.74 5.57
CA THR A 226 25.49 12.26 6.40
C THR A 226 25.54 13.77 6.32
N SER A 227 26.49 14.37 7.03
CA SER A 227 26.64 15.81 7.04
C SER A 227 27.74 16.31 6.11
N LYS A 228 28.27 15.42 5.27
CA LYS A 228 29.33 15.81 4.35
C LYS A 228 29.01 17.04 3.50
N PHE A 229 27.77 17.12 3.03
CA PHE A 229 27.37 18.22 2.15
C PHE A 229 26.45 19.29 2.75
N CYS A 230 26.19 19.21 4.05
CA CYS A 230 25.34 20.19 4.72
C CYS A 230 25.67 21.61 4.29
N GLU A 231 26.96 21.96 4.37
CA GLU A 231 27.40 23.30 4.02
C GLU A 231 27.16 23.77 2.58
N VAL A 232 27.51 22.96 1.59
CA VAL A 232 27.27 23.38 0.20
C VAL A 232 25.77 23.51 -0.02
N ASP A 233 25.03 22.59 0.58
CA ASP A 233 23.57 22.50 0.47
C ASP A 233 22.82 23.65 1.14
N GLY A 234 23.55 24.50 1.88
CA GLY A 234 22.94 25.63 2.54
C GLY A 234 22.25 25.35 3.86
N CYS A 235 22.58 24.23 4.50
CA CYS A 235 21.99 23.88 5.78
C CYS A 235 23.06 23.87 6.86
N THR A 236 23.22 25.01 7.54
CA THR A 236 24.21 25.11 8.59
C THR A 236 23.62 25.82 9.81
N ALA A 237 24.13 25.46 10.99
CA ALA A 237 23.68 26.07 12.23
C ALA A 237 23.91 27.57 12.14
N GLU A 238 24.94 27.97 11.39
CA GLU A 238 25.25 29.38 11.23
C GLU A 238 24.15 30.10 10.45
N THR A 239 23.53 29.37 9.53
CA THR A 239 22.45 29.93 8.72
C THR A 239 21.08 29.60 9.33
N GLY A 240 21.09 28.94 10.47
CA GLY A 240 19.86 28.57 11.15
C GLY A 240 19.15 27.34 10.60
N MET A 241 19.87 26.52 9.84
CA MET A 241 19.27 25.32 9.26
C MET A 241 18.01 25.67 8.49
N GLU A 242 18.09 26.72 7.68
CA GLU A 242 16.96 27.16 6.89
C GLU A 242 17.30 27.27 5.42
N LYS A 243 16.53 26.57 4.61
CA LYS A 243 16.68 26.59 3.17
C LYS A 243 15.24 26.50 2.71
N MET A 244 14.59 27.67 2.59
CA MET A 244 13.19 27.74 2.22
C MET A 244 12.93 27.76 0.72
N SER A 245 11.87 27.06 0.32
CA SER A 245 11.44 27.02 -1.07
C SER A 245 9.94 27.33 -1.08
N LEU A 246 9.52 28.22 -1.97
CA LEU A 246 8.12 28.65 -2.07
C LEU A 246 7.17 27.53 -2.49
N LEU A 247 6.14 27.31 -1.68
CA LEU A 247 5.14 26.30 -1.97
C LEU A 247 4.02 26.91 -2.81
N THR A 248 3.63 28.13 -2.45
CA THR A 248 2.58 28.85 -3.16
C THR A 248 2.99 29.23 -4.57
N PRO A 249 2.26 28.75 -5.57
CA PRO A 249 2.50 29.01 -7.00
C PRO A 249 2.34 30.48 -7.41
N PHE A 250 3.05 30.89 -8.46
CA PHE A 250 3.02 32.26 -8.96
C PHE A 250 1.66 32.97 -9.04
N GLY A 251 0.67 32.31 -9.63
CA GLY A 251 -0.64 32.95 -9.74
C GLY A 251 -1.55 32.56 -8.60
N GLY A 252 -0.95 32.15 -7.49
CA GLY A 252 -1.73 31.74 -6.33
C GLY A 252 -2.17 32.87 -5.45
N PRO A 253 -2.90 32.58 -4.34
CA PRO A 253 -3.39 33.60 -3.41
C PRO A 253 -2.25 34.43 -2.84
N PRO A 254 -2.57 35.55 -2.18
CA PRO A 254 -1.51 36.39 -1.62
C PRO A 254 -0.69 35.72 -0.50
N GLN A 255 -1.36 34.87 0.30
CA GLN A 255 -0.68 34.20 1.41
C GLN A 255 0.37 33.18 0.93
N GLN A 256 1.64 33.55 0.98
CA GLN A 256 2.71 32.67 0.52
C GLN A 256 3.16 31.67 1.58
N ALA A 257 3.30 30.41 1.17
CA ALA A 257 3.75 29.35 2.06
C ALA A 257 5.08 28.80 1.58
N LYS A 258 5.96 28.45 2.52
CA LYS A 258 7.27 27.91 2.20
C LYS A 258 7.60 26.69 3.06
N MET A 259 8.43 25.79 2.51
CA MET A 259 8.85 24.59 3.22
C MET A 259 10.37 24.61 3.38
N ASN A 260 10.86 23.99 4.44
CA ASN A 260 12.30 23.96 4.73
C ASN A 260 12.85 22.55 4.46
N THR A 261 13.97 22.45 3.75
CA THR A 261 14.52 21.13 3.47
C THR A 261 15.53 20.65 4.51
N CYS A 262 16.21 21.59 5.16
CA CYS A 262 17.23 21.23 6.15
C CYS A 262 16.82 20.16 7.17
N PRO A 263 15.55 20.15 7.59
CA PRO A 263 15.09 19.15 8.57
C PRO A 263 15.34 17.71 8.15
N CYS A 264 15.52 17.50 6.84
CA CYS A 264 15.77 16.15 6.31
C CYS A 264 17.06 15.52 6.87
N TYR A 265 18.06 16.35 7.14
CA TYR A 265 19.32 15.86 7.71
C TYR A 265 19.01 15.32 9.08
N TYR A 266 18.29 16.12 9.86
CA TYR A 266 17.94 15.71 11.21
C TYR A 266 17.12 14.42 11.23
N LYS A 267 16.48 14.11 10.11
CA LYS A 267 15.68 12.88 10.05
C LYS A 267 16.49 11.64 9.63
N TYR A 268 17.42 11.83 8.70
CA TYR A 268 18.21 10.74 8.13
C TYR A 268 19.71 10.64 8.46
N SER A 269 20.39 11.78 8.60
CA SER A 269 21.81 11.81 8.87
C SER A 269 22.33 10.88 9.97
N VAL A 270 23.33 10.08 9.63
CA VAL A 270 23.95 9.15 10.58
C VAL A 270 25.08 9.89 11.27
N SER A 271 25.54 10.97 10.66
CA SER A 271 26.61 11.79 11.21
C SER A 271 25.99 12.70 12.26
N PRO A 272 26.80 13.20 13.19
CA PRO A 272 26.23 14.10 14.21
C PRO A 272 25.88 15.43 13.55
N LEU A 273 24.94 16.16 14.15
CA LEU A 273 24.54 17.45 13.61
C LEU A 273 24.47 18.48 14.73
N PRO A 274 24.62 19.77 14.38
CA PRO A 274 24.58 20.85 15.39
C PRO A 274 23.28 20.80 16.19
N ALA A 275 23.38 21.08 17.49
CA ALA A 275 22.22 21.11 18.34
C ALA A 275 21.47 22.40 18.00
N MET A 276 20.14 22.30 17.90
CA MET A 276 19.31 23.46 17.60
C MET A 276 18.15 23.46 18.59
N ASP A 277 17.76 24.66 19.03
CA ASP A 277 16.64 24.79 19.96
C ASP A 277 15.40 24.22 19.28
N HIS A 278 15.26 24.52 18.00
CA HIS A 278 14.12 24.05 17.23
C HIS A 278 14.43 24.16 15.74
N LEU A 279 13.57 23.56 14.93
CA LEU A 279 13.70 23.63 13.48
C LEU A 279 12.37 24.18 12.97
N ILE A 280 12.43 24.89 11.84
CA ILE A 280 11.22 25.41 11.23
C ILE A 280 10.92 24.48 10.06
N LEU A 281 9.73 23.88 10.06
CA LEU A 281 9.39 22.97 8.98
C LEU A 281 8.79 23.73 7.82
N ALA A 282 8.02 24.75 8.16
CA ALA A 282 7.35 25.55 7.14
C ALA A 282 6.83 26.85 7.74
N ASP A 283 6.54 27.82 6.89
CA ASP A 283 5.98 29.08 7.37
C ASP A 283 4.94 29.60 6.40
N LEU A 284 4.10 30.49 6.90
CA LEU A 284 3.02 31.06 6.13
C LEU A 284 2.89 32.54 6.42
N ALA A 285 3.00 33.36 5.37
CA ALA A 285 2.90 34.83 5.46
C ALA A 285 1.49 35.29 5.04
N GLY A 286 1.09 36.47 5.50
CA GLY A 286 -0.22 36.99 5.12
C GLY A 286 -1.33 36.69 6.11
N LEU A 287 -1.00 36.34 7.34
CA LEU A 287 -2.03 36.03 8.33
C LEU A 287 -3.02 37.18 8.50
N ASP A 288 -2.53 38.41 8.34
CA ASP A 288 -3.37 39.58 8.48
C ASP A 288 -4.57 39.58 7.56
N SER A 289 -4.42 39.02 6.36
CA SER A 289 -5.50 38.99 5.38
C SER A 289 -6.40 37.77 5.47
N LEU A 290 -6.05 36.81 6.31
CA LEU A 290 -6.84 35.59 6.43
C LEU A 290 -8.13 35.80 7.22
N THR A 291 -9.19 35.09 6.80
CA THR A 291 -10.49 35.20 7.44
C THR A 291 -10.99 33.93 8.11
N SER A 292 -10.23 32.85 8.02
CA SER A 292 -10.63 31.58 8.63
C SER A 292 -9.42 30.92 9.28
N PRO A 293 -9.64 29.94 10.17
CA PRO A 293 -8.50 29.30 10.82
C PRO A 293 -7.53 28.58 9.89
N VAL A 294 -6.31 28.39 10.40
CA VAL A 294 -5.25 27.71 9.68
C VAL A 294 -5.03 26.39 10.41
N TYR A 295 -4.98 25.31 9.66
CA TYR A 295 -4.78 24.00 10.25
C TYR A 295 -3.46 23.39 9.81
N VAL A 296 -2.78 22.74 10.74
CA VAL A 296 -1.53 22.07 10.44
C VAL A 296 -1.59 20.70 11.08
N MET A 297 -1.53 19.65 10.27
CA MET A 297 -1.59 18.30 10.79
C MET A 297 -0.29 17.53 10.58
N ALA A 298 0.16 16.87 11.63
CA ALA A 298 1.39 16.09 11.53
C ALA A 298 1.07 14.61 11.56
N ALA A 299 1.90 13.83 10.87
CA ALA A 299 1.78 12.37 10.83
C ALA A 299 3.13 11.91 11.35
N TYR A 300 3.12 11.11 12.40
CA TYR A 300 4.38 10.67 12.98
C TYR A 300 4.29 9.31 13.69
N PHE A 301 5.45 8.74 13.95
CA PHE A 301 5.52 7.46 14.63
C PHE A 301 5.86 7.67 16.09
N ASP A 302 5.34 6.76 16.92
CA ASP A 302 5.56 6.80 18.36
C ASP A 302 7.00 6.40 18.62
N SER A 303 7.76 7.29 19.25
CA SER A 303 9.17 7.05 19.56
C SER A 303 9.40 6.19 20.79
N THR A 304 8.59 5.16 20.97
CA THR A 304 8.77 4.27 22.11
C THR A 304 8.83 2.83 21.61
N HIS A 305 10.05 2.36 21.45
CA HIS A 305 10.38 1.01 20.96
C HIS A 305 9.50 -0.12 21.48
N GLU A 306 9.58 -1.25 20.80
CA GLU A 306 8.78 -2.39 21.19
C GLU A 306 9.27 -3.70 20.60
N ASN A 307 8.44 -4.74 20.77
CA ASN A 307 8.72 -6.10 20.31
C ASN A 307 9.51 -6.24 19.01
N PRO A 308 10.78 -6.63 19.11
CA PRO A 308 11.68 -6.82 17.96
C PRO A 308 11.19 -7.91 17.00
N VAL A 309 10.54 -8.92 17.54
CA VAL A 309 10.03 -10.02 16.73
C VAL A 309 8.82 -9.59 15.87
N ARG A 310 8.11 -8.55 16.32
CA ARG A 310 6.94 -8.04 15.61
C ARG A 310 6.88 -6.52 15.78
N PRO A 311 7.71 -5.78 15.05
CA PRO A 311 7.76 -4.32 15.11
C PRO A 311 6.51 -3.67 14.52
N SER A 312 5.57 -3.30 15.38
CA SER A 312 4.33 -2.69 14.94
C SER A 312 4.48 -1.19 14.74
N SER A 313 4.55 -0.78 13.49
CA SER A 313 4.70 0.64 13.16
C SER A 313 3.33 1.33 12.97
N LYS A 314 2.72 1.81 14.06
CA LYS A 314 1.43 2.49 13.97
C LYS A 314 1.60 4.00 13.79
N LEU A 315 0.95 4.57 12.78
CA LEU A 315 1.07 6.00 12.49
C LEU A 315 0.08 6.83 13.32
N TYR A 316 0.56 7.98 13.80
CA TYR A 316 -0.27 8.89 14.59
C TYR A 316 -0.53 10.21 13.85
N HIS A 317 -1.67 10.82 14.14
CA HIS A 317 -2.06 12.09 13.54
C HIS A 317 -2.50 13.07 14.62
N CYS A 318 -2.05 14.32 14.49
CA CYS A 318 -2.45 15.35 15.43
C CYS A 318 -2.54 16.61 14.61
N ALA A 319 -3.66 17.30 14.72
CA ALA A 319 -3.90 18.53 13.97
C ALA A 319 -3.92 19.73 14.90
N LEU A 320 -3.13 20.75 14.58
CA LEU A 320 -3.11 21.96 15.38
C LEU A 320 -3.92 23.02 14.63
N GLN A 321 -4.51 23.95 15.37
CA GLN A 321 -5.30 25.02 14.78
C GLN A 321 -4.84 26.40 15.23
N MET A 322 -4.65 27.28 14.25
CA MET A 322 -4.24 28.65 14.51
C MET A 322 -5.43 29.52 14.12
N THR A 323 -5.95 30.29 15.07
CA THR A 323 -7.09 31.14 14.78
C THR A 323 -6.86 32.59 15.23
N SER A 324 -7.65 33.49 14.68
CA SER A 324 -7.55 34.90 15.04
C SER A 324 -8.82 35.35 15.73
N HIS A 325 -8.68 35.80 16.97
CA HIS A 325 -9.82 36.29 17.73
C HIS A 325 -9.56 37.77 18.00
N ASP A 326 -10.34 38.64 17.37
CA ASP A 326 -10.20 40.09 17.53
C ASP A 326 -8.76 40.53 17.29
N GLY A 327 -8.20 40.12 16.16
CA GLY A 327 -6.83 40.48 15.83
C GLY A 327 -5.75 39.76 16.63
N VAL A 328 -6.10 38.72 17.36
CA VAL A 328 -5.11 37.98 18.14
C VAL A 328 -5.05 36.52 17.70
N TRP A 329 -3.98 36.13 17.01
CA TRP A 329 -3.81 34.75 16.55
C TRP A 329 -3.33 33.83 17.65
N THR A 330 -4.17 32.90 18.08
CA THR A 330 -3.80 31.94 19.12
C THR A 330 -3.83 30.53 18.52
N SER A 331 -3.05 29.63 19.10
CA SER A 331 -2.99 28.26 18.60
C SER A 331 -3.28 27.22 19.67
N THR A 332 -3.89 26.12 19.28
CA THR A 332 -4.14 25.04 20.23
C THR A 332 -2.80 24.36 20.37
N SER A 333 -2.41 24.00 21.58
CA SER A 333 -1.14 23.34 21.79
C SER A 333 -1.43 21.87 22.04
N SER A 334 -0.49 21.00 21.70
CA SER A 334 -0.74 19.58 21.93
C SER A 334 0.41 18.77 22.54
N GLU A 335 0.03 17.70 23.22
CA GLU A 335 0.95 16.81 23.89
C GLU A 335 1.91 16.11 22.97
N GLN A 336 1.59 14.85 22.73
CA GLN A 336 2.36 13.97 21.88
C GLN A 336 2.69 14.66 20.57
N CYS A 337 1.82 15.59 20.15
CA CYS A 337 2.02 16.30 18.89
C CYS A 337 3.41 16.89 18.84
N PRO A 338 4.26 16.33 17.96
CA PRO A 338 5.64 16.79 17.80
C PRO A 338 5.78 18.17 17.20
N ILE A 339 4.69 18.75 16.72
CA ILE A 339 4.80 20.08 16.13
C ILE A 339 4.18 21.18 16.98
N ARG A 340 4.58 22.40 16.73
CA ARG A 340 4.08 23.55 17.46
C ARG A 340 3.88 24.71 16.49
N LEU A 341 2.81 25.47 16.69
CA LEU A 341 2.52 26.62 15.85
C LEU A 341 2.81 27.91 16.61
N VAL A 342 3.69 28.75 16.06
CA VAL A 342 4.04 30.02 16.69
C VAL A 342 4.16 31.12 15.63
N GLU A 343 4.08 32.38 16.05
CA GLU A 343 4.20 33.48 15.10
C GLU A 343 5.65 33.79 14.82
N GLY A 344 5.92 34.34 13.64
CA GLY A 344 7.27 34.69 13.28
C GLY A 344 7.60 36.05 13.85
N GLN A 345 8.51 36.77 13.19
CA GLN A 345 8.93 38.09 13.65
C GLN A 345 7.73 39.03 13.76
N SER A 346 6.79 38.90 12.82
CA SER A 346 5.59 39.72 12.81
C SER A 346 4.37 38.81 12.93
N GLN A 347 3.24 39.36 13.34
CA GLN A 347 2.01 38.56 13.47
C GLN A 347 1.44 38.23 12.09
N ASN A 348 2.12 38.69 11.05
CA ASN A 348 1.68 38.43 9.69
C ASN A 348 2.25 37.08 9.24
N VAL A 349 3.19 36.53 10.01
CA VAL A 349 3.80 35.24 9.68
C VAL A 349 3.63 34.16 10.73
N LEU A 350 3.30 32.96 10.27
CA LEU A 350 3.12 31.81 11.14
C LEU A 350 4.20 30.79 10.80
N GLN A 351 4.78 30.15 11.81
CA GLN A 351 5.81 29.15 11.57
C GLN A 351 5.43 27.83 12.20
N VAL A 352 5.80 26.73 11.53
CA VAL A 352 5.56 25.39 12.05
C VAL A 352 6.92 24.92 12.57
N ARG A 353 7.00 24.71 13.88
CA ARG A 353 8.23 24.28 14.54
C ARG A 353 8.23 22.85 15.04
N VAL A 354 9.44 22.31 15.20
CA VAL A 354 9.64 20.96 15.71
C VAL A 354 11.01 20.83 16.37
N ALA A 355 11.13 19.91 17.32
CA ALA A 355 12.40 19.68 18.00
C ALA A 355 13.23 18.77 17.08
N PRO A 356 14.51 19.11 16.88
CA PRO A 356 15.38 18.30 16.02
C PRO A 356 15.18 16.81 16.30
N THR A 357 15.07 16.50 17.58
CA THR A 357 14.91 15.14 18.06
C THR A 357 13.72 14.36 17.48
N SER A 358 12.70 15.06 17.02
CA SER A 358 11.52 14.38 16.48
C SER A 358 11.57 14.04 15.00
N MET A 359 12.48 14.67 14.26
CA MET A 359 12.57 14.42 12.83
C MET A 359 12.60 12.95 12.44
N PRO A 360 13.46 12.14 13.09
CA PRO A 360 13.48 10.73 12.70
C PRO A 360 12.09 10.07 12.62
N ASN A 361 11.18 10.38 13.54
CA ASN A 361 9.84 9.78 13.54
C ASN A 361 8.77 10.58 12.78
N LEU A 362 9.14 11.73 12.24
CA LEU A 362 8.19 12.57 11.53
C LEU A 362 7.98 12.13 10.07
N VAL A 363 6.76 11.69 9.76
CA VAL A 363 6.41 11.23 8.43
C VAL A 363 5.95 12.36 7.50
N GLY A 364 5.22 13.33 8.05
CA GLY A 364 4.75 14.44 7.27
C GLY A 364 3.97 15.48 8.06
N VAL A 365 3.80 16.66 7.45
CA VAL A 365 3.04 17.76 8.04
C VAL A 365 2.24 18.40 6.93
N SER A 366 0.95 18.64 7.18
CA SER A 366 0.06 19.20 6.17
C SER A 366 -0.49 20.56 6.58
N LEU A 367 -0.33 21.54 5.69
CA LEU A 367 -0.79 22.90 5.91
C LEU A 367 -2.09 23.12 5.14
N MET A 368 -3.14 23.49 5.85
CA MET A 368 -4.43 23.70 5.23
C MET A 368 -5.02 25.03 5.65
N LEU A 369 -5.29 25.87 4.67
CA LEU A 369 -5.86 27.19 4.94
C LEU A 369 -6.74 27.56 3.75
N GLU A 370 -7.42 28.69 3.87
CA GLU A 370 -8.30 29.19 2.83
C GLU A 370 -7.57 29.19 1.49
N GLY A 371 -8.13 28.48 0.51
CA GLY A 371 -7.54 28.42 -0.81
C GLY A 371 -6.24 27.62 -1.03
N GLN A 372 -5.63 27.09 0.03
CA GLN A 372 -4.39 26.35 -0.18
C GLN A 372 -4.20 25.17 0.75
N GLN A 373 -3.72 24.06 0.21
CA GLN A 373 -3.42 22.87 1.00
C GLN A 373 -2.11 22.27 0.51
N TYR A 374 -1.14 22.13 1.42
CA TYR A 374 0.15 21.56 1.08
C TYR A 374 0.49 20.36 1.94
N ARG A 375 0.60 19.20 1.31
CA ARG A 375 0.96 18.00 2.03
C ARG A 375 2.47 17.82 1.93
N LEU A 376 3.16 17.98 3.05
CA LEU A 376 4.62 17.85 3.10
C LEU A 376 5.04 16.45 3.55
N GLU A 377 5.82 15.76 2.75
CA GLU A 377 6.24 14.40 3.07
C GLU A 377 7.75 14.31 3.27
N TYR A 378 8.16 13.71 4.38
CA TYR A 378 9.57 13.58 4.70
C TYR A 378 10.14 12.21 4.33
N PHE A 379 9.40 11.48 3.49
CA PHE A 379 9.84 10.17 3.00
C PHE A 379 9.39 10.10 1.54
N GLY A 380 9.98 9.17 0.78
CA GLY A 380 9.62 9.02 -0.62
C GLY A 380 10.17 10.12 -1.50
N ASP A 381 10.95 9.74 -2.50
CA ASP A 381 11.54 10.70 -3.42
C ASP A 381 10.53 11.01 -4.53
N HIS A 382 9.27 10.70 -4.25
CA HIS A 382 8.20 10.92 -5.22
C HIS A 382 6.90 11.30 -4.53
N HIS B 12 23.30 -21.98 -11.92
CA HIS B 12 24.53 -21.44 -11.26
C HIS B 12 24.21 -20.44 -10.16
N SER B 13 24.76 -19.23 -10.28
CA SER B 13 24.54 -18.19 -9.27
C SER B 13 23.26 -17.42 -9.53
N SER B 14 22.30 -18.06 -10.20
CA SER B 14 21.01 -17.44 -10.50
C SER B 14 20.08 -18.45 -11.15
N GLY B 15 18.77 -18.30 -10.90
CA GLY B 15 17.81 -19.21 -11.48
C GLY B 15 16.57 -19.46 -10.63
N VAL B 16 15.73 -20.36 -11.12
CA VAL B 16 14.49 -20.72 -10.45
C VAL B 16 14.38 -22.25 -10.40
N SER B 17 14.22 -22.80 -9.20
CA SER B 17 14.08 -24.24 -9.06
C SER B 17 12.83 -24.53 -8.23
N THR B 18 12.25 -25.70 -8.45
CA THR B 18 11.06 -26.11 -7.73
C THR B 18 11.22 -27.52 -7.19
N GLN B 19 10.38 -27.89 -6.24
CA GLN B 19 10.44 -29.22 -5.64
C GLN B 19 9.20 -29.46 -4.79
N SER B 20 8.91 -30.74 -4.57
CA SER B 20 7.77 -31.12 -3.75
C SER B 20 8.22 -30.98 -2.31
N VAL B 21 7.30 -30.60 -1.44
CA VAL B 21 7.62 -30.46 -0.03
C VAL B 21 6.73 -31.36 0.81
N ASP B 22 7.33 -32.36 1.44
CA ASP B 22 6.60 -33.30 2.29
C ASP B 22 7.12 -33.13 3.70
N LEU B 23 6.31 -32.52 4.58
CA LEU B 23 6.75 -32.34 5.96
C LEU B 23 6.97 -33.67 6.69
N SER B 24 6.50 -34.77 6.12
CA SER B 24 6.67 -36.09 6.71
C SER B 24 8.14 -36.46 6.78
N GLN B 25 8.90 -36.04 5.78
CA GLN B 25 10.32 -36.32 5.72
C GLN B 25 11.11 -35.35 6.58
N ILE B 26 10.84 -34.06 6.41
CA ILE B 26 11.54 -33.02 7.16
C ILE B 26 11.33 -33.17 8.66
N LYS B 27 12.44 -33.32 9.39
CA LYS B 27 12.44 -33.50 10.84
C LYS B 27 11.75 -32.35 11.55
N ARG B 28 10.63 -32.66 12.22
CA ARG B 28 9.84 -31.66 12.93
C ARG B 28 9.41 -30.56 11.96
N GLY B 29 9.24 -30.96 10.70
CA GLY B 29 8.84 -30.03 9.66
C GLY B 29 7.53 -29.35 9.99
N ASP B 30 6.55 -30.16 10.39
CA ASP B 30 5.24 -29.63 10.74
C ASP B 30 5.39 -28.53 11.78
N GLU B 31 6.27 -28.74 12.75
CA GLU B 31 6.50 -27.76 13.81
C GLU B 31 7.23 -26.52 13.33
N ILE B 32 8.17 -26.71 12.43
CA ILE B 32 8.90 -25.57 11.92
C ILE B 32 7.91 -24.68 11.18
N GLN B 33 7.13 -25.28 10.29
CA GLN B 33 6.14 -24.57 9.49
C GLN B 33 5.09 -23.85 10.35
N ALA B 34 4.80 -24.41 11.51
CA ALA B 34 3.80 -23.85 12.41
C ALA B 34 4.31 -22.82 13.40
N HIS B 35 5.57 -22.94 13.82
CA HIS B 35 6.11 -22.01 14.80
C HIS B 35 7.24 -21.12 14.29
N CYS B 36 7.79 -21.45 13.12
CA CYS B 36 8.86 -20.65 12.56
C CYS B 36 8.43 -19.92 11.28
N LEU B 37 7.40 -20.44 10.60
CA LEU B 37 6.92 -19.83 9.36
C LEU B 37 5.46 -19.39 9.47
N THR B 38 4.98 -19.26 10.70
CA THR B 38 3.62 -18.85 10.99
C THR B 38 3.69 -17.89 12.17
N PRO B 39 2.88 -16.82 12.14
CA PRO B 39 2.90 -15.89 13.28
C PRO B 39 2.12 -16.44 14.46
N ALA B 40 2.83 -17.15 15.34
CA ALA B 40 2.24 -17.73 16.54
C ALA B 40 2.89 -17.08 17.77
N GLU B 41 3.79 -17.78 18.46
CA GLU B 41 4.45 -17.21 19.62
C GLU B 41 5.20 -15.95 19.21
N THR B 42 5.08 -14.89 20.01
CA THR B 42 5.75 -13.63 19.71
C THR B 42 7.17 -13.57 20.25
N GLU B 43 7.66 -14.71 20.74
CA GLU B 43 9.02 -14.80 21.26
C GLU B 43 9.79 -15.79 20.40
N VAL B 44 11.09 -15.57 20.30
CA VAL B 44 11.98 -16.43 19.52
C VAL B 44 12.13 -17.83 20.12
N THR B 45 11.79 -17.95 21.40
CA THR B 45 11.91 -19.20 22.16
C THR B 45 11.46 -20.50 21.50
N GLU B 46 10.16 -20.62 21.22
CA GLU B 46 9.63 -21.83 20.61
C GLU B 46 10.38 -22.21 19.34
N CYS B 47 10.36 -21.33 18.35
CA CYS B 47 11.05 -21.63 17.09
C CYS B 47 12.54 -21.94 17.33
N ALA B 48 13.21 -21.13 18.14
CA ALA B 48 14.63 -21.33 18.43
C ALA B 48 14.89 -22.72 19.02
N GLY B 49 13.91 -23.24 19.75
CA GLY B 49 14.05 -24.56 20.34
C GLY B 49 14.02 -25.64 19.28
N ILE B 50 13.04 -25.57 18.39
CA ILE B 50 12.89 -26.53 17.31
C ILE B 50 14.08 -26.54 16.34
N LEU B 51 14.65 -25.37 16.09
CA LEU B 51 15.79 -25.28 15.18
C LEU B 51 17.08 -25.78 15.85
N LYS B 52 17.29 -25.38 17.11
CA LYS B 52 18.46 -25.82 17.86
C LYS B 52 18.60 -27.34 17.71
N ASP B 53 17.49 -28.04 17.91
CA ASP B 53 17.48 -29.48 17.78
C ASP B 53 17.62 -29.97 16.35
N VAL B 54 16.72 -29.50 15.48
CA VAL B 54 16.72 -29.91 14.08
C VAL B 54 17.96 -29.51 13.27
N LEU B 55 18.36 -28.24 13.35
CA LEU B 55 19.53 -27.75 12.61
C LEU B 55 20.88 -28.21 13.17
N SER B 56 20.86 -28.81 14.35
CA SER B 56 22.09 -29.32 14.96
C SER B 56 22.33 -30.72 14.40
N LYS B 57 21.31 -31.25 13.73
CA LYS B 57 21.38 -32.57 13.13
C LYS B 57 21.66 -32.44 11.64
N ASN B 58 20.89 -31.57 10.98
CA ASN B 58 21.04 -31.29 9.56
C ASN B 58 20.98 -29.77 9.38
N LEU B 59 22.15 -29.18 9.23
CA LEU B 59 22.32 -27.75 9.05
C LEU B 59 21.53 -27.15 7.89
N HIS B 60 21.25 -27.95 6.87
CA HIS B 60 20.53 -27.43 5.71
C HIS B 60 19.08 -27.90 5.64
N GLU B 61 18.55 -28.34 6.77
CA GLU B 61 17.17 -28.82 6.83
C GLU B 61 16.14 -27.87 6.22
N LEU B 62 16.26 -26.58 6.53
CA LEU B 62 15.31 -25.58 6.04
C LEU B 62 15.08 -25.59 4.54
N GLN B 63 16.14 -25.83 3.77
CA GLN B 63 16.03 -25.84 2.32
C GLN B 63 14.94 -26.77 1.79
N GLY B 64 14.61 -27.79 2.58
CA GLY B 64 13.58 -28.72 2.19
C GLY B 64 12.17 -28.16 2.32
N LEU B 65 12.05 -27.01 2.95
CA LEU B 65 10.75 -26.37 3.13
C LEU B 65 10.44 -25.37 2.02
N CYS B 66 11.39 -25.18 1.10
CA CYS B 66 11.21 -24.25 -0.03
C CYS B 66 10.56 -24.95 -1.21
N ASN B 67 9.32 -24.61 -1.52
CA ASN B 67 8.65 -25.23 -2.67
C ASN B 67 9.27 -24.65 -3.92
N VAL B 68 9.61 -23.37 -3.84
CA VAL B 68 10.24 -22.68 -4.95
C VAL B 68 11.44 -21.91 -4.44
N LYS B 69 12.54 -21.97 -5.20
CA LYS B 69 13.75 -21.25 -4.85
C LYS B 69 14.05 -20.34 -6.05
N ASN B 70 14.12 -19.05 -5.79
CA ASN B 70 14.40 -18.07 -6.84
C ASN B 70 15.63 -17.28 -6.40
N LYS B 71 16.72 -17.43 -7.14
CA LYS B 71 17.92 -16.72 -6.74
C LYS B 71 18.59 -15.86 -7.80
N MET B 72 19.31 -14.86 -7.30
CA MET B 72 20.03 -13.94 -8.14
C MET B 72 21.47 -13.88 -7.64
N GLY B 73 22.38 -13.59 -8.57
CA GLY B 73 23.77 -13.44 -8.19
C GLY B 73 23.94 -11.95 -7.95
N VAL B 74 24.41 -11.58 -6.77
CA VAL B 74 24.59 -10.16 -6.44
C VAL B 74 26.04 -9.93 -6.03
N PRO B 75 26.73 -9.00 -6.72
CA PRO B 75 28.13 -8.66 -6.46
C PRO B 75 28.35 -8.06 -5.08
N TRP B 76 29.48 -8.41 -4.47
CA TRP B 76 29.86 -7.86 -3.19
C TRP B 76 30.06 -6.38 -3.39
N VAL B 77 29.75 -5.58 -2.38
CA VAL B 77 29.95 -4.14 -2.46
C VAL B 77 30.75 -3.74 -1.22
N SER B 78 32.05 -3.55 -1.40
CA SER B 78 32.94 -3.18 -0.30
C SER B 78 32.83 -1.73 0.12
N VAL B 79 32.33 -1.51 1.34
CA VAL B 79 32.25 -0.17 1.87
C VAL B 79 33.46 -0.04 2.80
N GLU B 80 34.64 -0.04 2.19
CA GLU B 80 35.95 0.04 2.86
C GLU B 80 35.99 1.04 4.01
N GLU B 81 35.32 2.18 3.81
CA GLU B 81 35.24 3.24 4.80
C GLU B 81 34.73 2.72 6.15
N LEU B 82 33.71 1.86 6.11
CA LEU B 82 33.12 1.29 7.31
C LEU B 82 33.56 -0.15 7.52
N GLY B 83 34.44 -0.65 6.66
CA GLY B 83 34.90 -2.03 6.79
C GLY B 83 33.77 -3.03 6.57
N GLN B 84 32.77 -2.65 5.78
CA GLN B 84 31.65 -3.55 5.52
C GLN B 84 31.65 -4.15 4.14
N GLU B 85 31.12 -5.36 4.07
CA GLU B 85 31.00 -6.09 2.81
C GLU B 85 29.51 -6.32 2.73
N ILE B 86 28.89 -5.71 1.73
CA ILE B 86 27.45 -5.78 1.60
C ILE B 86 26.92 -6.44 0.34
N ILE B 87 25.79 -7.12 0.49
CA ILE B 87 25.10 -7.70 -0.65
C ILE B 87 23.66 -7.24 -0.50
N THR B 88 23.17 -6.55 -1.52
CA THR B 88 21.80 -6.05 -1.50
C THR B 88 21.14 -6.47 -2.81
N GLY B 89 19.83 -6.63 -2.78
CA GLY B 89 19.14 -7.02 -3.99
C GLY B 89 17.65 -6.93 -3.79
N ARG B 90 16.92 -6.67 -4.88
CA ARG B 90 15.47 -6.58 -4.83
C ARG B 90 14.92 -7.90 -5.35
N LEU B 91 14.39 -8.71 -4.45
CA LEU B 91 13.84 -10.02 -4.79
C LEU B 91 12.64 -9.93 -5.71
N PRO B 92 12.55 -10.87 -6.66
CA PRO B 92 11.40 -10.80 -7.56
C PRO B 92 10.22 -11.49 -6.89
N PHE B 93 9.67 -10.86 -5.85
CA PHE B 93 8.51 -11.38 -5.12
C PHE B 93 7.50 -11.85 -6.17
N PRO B 94 7.06 -13.12 -6.08
CA PRO B 94 6.12 -13.82 -6.97
C PRO B 94 4.68 -13.37 -7.09
N SER B 95 4.13 -12.81 -6.03
CA SER B 95 2.75 -12.38 -6.04
C SER B 95 2.57 -11.15 -5.15
N VAL B 96 1.50 -10.40 -5.34
CA VAL B 96 1.24 -9.22 -4.51
C VAL B 96 1.26 -9.71 -3.05
N GLY B 97 1.84 -8.91 -2.15
CA GLY B 97 1.92 -9.30 -0.75
C GLY B 97 0.56 -9.40 -0.08
N GLY B 98 -0.27 -8.39 -0.28
CA GLY B 98 -1.59 -8.39 0.31
C GLY B 98 -2.09 -6.97 0.44
N THR B 99 -3.32 -6.82 0.90
CA THR B 99 -3.90 -5.51 1.10
C THR B 99 -3.23 -4.94 2.33
N PRO B 100 -3.35 -3.62 2.55
CA PRO B 100 -2.74 -2.97 3.71
C PRO B 100 -3.50 -3.22 5.00
N VAL B 101 -3.95 -4.44 5.22
CA VAL B 101 -4.69 -4.76 6.45
C VAL B 101 -3.75 -5.38 7.48
N ASN B 102 -4.26 -5.58 8.70
CA ASN B 102 -3.45 -6.14 9.78
C ASN B 102 -3.41 -7.67 9.71
N ASP B 103 -2.61 -8.16 8.77
CA ASP B 103 -2.41 -9.58 8.55
C ASP B 103 -0.89 -9.72 8.39
N LEU B 104 -0.29 -10.57 9.22
CA LEU B 104 1.15 -10.74 9.18
C LEU B 104 1.66 -12.03 8.56
N VAL B 105 2.89 -11.98 8.07
CA VAL B 105 3.54 -13.16 7.52
C VAL B 105 4.79 -13.31 8.39
N ARG B 106 5.15 -14.55 8.72
CA ARG B 106 6.35 -14.77 9.51
C ARG B 106 7.42 -15.15 8.53
N VAL B 107 8.45 -14.32 8.42
CA VAL B 107 9.54 -14.57 7.49
C VAL B 107 10.74 -15.14 8.19
N LEU B 108 11.40 -16.09 7.55
CA LEU B 108 12.59 -16.68 8.14
C LEU B 108 13.72 -16.21 7.24
N VAL B 109 14.75 -15.63 7.86
CA VAL B 109 15.90 -15.17 7.10
C VAL B 109 17.09 -16.03 7.47
N VAL B 110 17.83 -16.48 6.46
CA VAL B 110 19.00 -17.33 6.69
C VAL B 110 20.21 -16.75 5.99
N ALA B 111 21.31 -16.60 6.73
CA ALA B 111 22.55 -16.10 6.17
C ALA B 111 23.61 -17.18 6.39
N GLU B 112 24.30 -17.58 5.32
CA GLU B 112 25.31 -18.62 5.42
C GLU B 112 26.44 -18.45 4.43
N SER B 113 27.45 -19.31 4.55
CA SER B 113 28.62 -19.27 3.67
C SER B 113 29.46 -20.50 3.92
N ASN B 114 30.42 -20.74 3.04
CA ASN B 114 31.30 -21.88 3.18
C ASN B 114 32.31 -21.57 4.29
N THR B 115 32.93 -22.62 4.83
CA THR B 115 33.91 -22.47 5.88
C THR B 115 35.28 -22.28 5.22
N PRO B 116 35.88 -21.09 5.39
CA PRO B 116 37.19 -20.77 4.81
C PRO B 116 38.30 -21.77 5.14
N GLU B 117 39.13 -22.06 4.15
CA GLU B 117 40.24 -23.00 4.30
C GLU B 117 41.11 -22.57 5.48
N GLU B 118 41.45 -21.29 5.47
CA GLU B 118 42.27 -20.68 6.50
C GLU B 118 41.39 -20.00 7.55
N THR B 119 41.47 -20.46 8.80
CA THR B 119 40.68 -19.88 9.89
C THR B 119 40.79 -18.36 9.85
N PRO B 120 39.66 -17.66 9.65
CA PRO B 120 39.62 -16.20 9.57
C PRO B 120 39.82 -15.52 10.92
N GLU B 121 40.07 -14.21 10.87
CA GLU B 121 40.28 -13.42 12.07
C GLU B 121 38.94 -12.85 12.51
N GLU B 122 38.09 -12.53 11.54
CA GLU B 122 36.77 -11.98 11.82
C GLU B 122 35.77 -13.09 12.13
N GLU B 123 34.82 -12.78 12.99
CA GLU B 123 33.77 -13.73 13.35
C GLU B 123 32.69 -13.58 12.28
N PHE B 124 31.82 -14.58 12.15
CA PHE B 124 30.77 -14.51 11.15
C PHE B 124 29.64 -13.56 11.60
N TYR B 125 29.91 -12.26 11.68
CA TYR B 125 28.88 -11.30 12.05
C TYR B 125 28.09 -10.92 10.81
N ALA B 126 26.78 -10.92 10.92
CA ALA B 126 25.92 -10.58 9.81
C ALA B 126 24.69 -9.85 10.31
N TYR B 127 24.29 -8.84 9.55
CA TYR B 127 23.12 -8.06 9.87
C TYR B 127 22.29 -7.95 8.59
N VAL B 128 21.02 -8.29 8.68
CA VAL B 128 20.15 -8.24 7.52
C VAL B 128 19.01 -7.30 7.81
N GLU B 129 18.59 -6.58 6.79
CA GLU B 129 17.49 -5.66 6.94
C GLU B 129 16.61 -5.62 5.69
N LEU B 130 15.31 -5.48 5.91
CA LEU B 130 14.35 -5.44 4.83
C LEU B 130 13.72 -4.07 4.89
N GLN B 131 14.03 -3.21 3.95
CA GLN B 131 13.47 -1.88 4.02
C GLN B 131 12.39 -1.54 3.02
N THR B 132 11.40 -0.83 3.53
CA THR B 132 10.28 -0.37 2.74
C THR B 132 10.33 1.15 2.88
N GLU B 133 9.99 1.85 1.80
CA GLU B 133 9.98 3.31 1.76
C GLU B 133 9.73 3.96 3.12
N LEU B 134 8.74 3.45 3.83
CA LEU B 134 8.35 4.00 5.11
C LEU B 134 9.06 3.45 6.37
N TYR B 135 9.44 2.17 6.36
CA TYR B 135 10.10 1.58 7.52
C TYR B 135 11.12 0.51 7.13
N THR B 136 12.17 0.39 7.93
CA THR B 136 13.20 -0.63 7.68
C THR B 136 13.14 -1.69 8.77
N PHE B 137 12.86 -2.94 8.37
CA PHE B 137 12.80 -4.03 9.34
C PHE B 137 14.18 -4.64 9.49
N GLY B 138 14.75 -4.51 10.69
CA GLY B 138 16.07 -5.05 10.91
C GLY B 138 16.06 -6.38 11.64
N LEU B 139 16.87 -7.32 11.16
CA LEU B 139 16.98 -8.62 11.81
C LEU B 139 18.18 -8.51 12.75
N SER B 140 17.90 -8.39 14.04
CA SER B 140 18.91 -8.25 15.09
C SER B 140 19.02 -9.50 15.97
N ASP B 141 19.90 -9.44 16.98
CA ASP B 141 20.08 -10.58 17.89
C ASP B 141 18.76 -11.01 18.51
N ASP B 142 17.85 -10.07 18.71
CA ASP B 142 16.57 -10.41 19.30
C ASP B 142 15.69 -11.17 18.31
N ASN B 143 16.11 -11.18 17.05
CA ASN B 143 15.38 -11.91 15.99
C ASN B 143 16.03 -13.26 15.70
N VAL B 144 17.24 -13.47 16.20
CA VAL B 144 17.96 -14.73 15.98
C VAL B 144 17.24 -15.93 16.61
N VAL B 145 17.07 -17.00 15.85
CA VAL B 145 16.44 -18.21 16.37
C VAL B 145 17.37 -19.42 16.24
N PHE B 146 18.53 -19.20 15.62
CA PHE B 146 19.56 -20.24 15.46
C PHE B 146 20.87 -19.61 15.04
N THR B 147 21.98 -20.09 15.60
CA THR B 147 23.27 -19.55 15.23
C THR B 147 24.37 -20.58 15.31
N SER B 148 25.24 -20.60 14.31
CA SER B 148 26.36 -21.52 14.23
C SER B 148 27.54 -20.78 13.60
N ASP B 149 28.68 -21.46 13.48
CA ASP B 149 29.87 -20.82 12.91
C ASP B 149 29.65 -20.03 11.63
N TYR B 150 28.97 -20.62 10.65
CA TYR B 150 28.74 -19.93 9.39
C TYR B 150 27.29 -19.89 8.89
N MET B 151 26.36 -19.89 9.84
CA MET B 151 24.94 -19.81 9.55
C MET B 151 24.14 -19.14 10.67
N THR B 152 23.36 -18.15 10.29
CA THR B 152 22.52 -17.42 11.23
C THR B 152 21.11 -17.41 10.67
N VAL B 153 20.14 -17.65 11.54
CA VAL B 153 18.74 -17.65 11.13
C VAL B 153 18.00 -16.66 12.01
N TRP B 154 17.23 -15.78 11.39
CA TRP B 154 16.44 -14.79 12.10
C TRP B 154 14.99 -15.05 11.78
N MET B 155 14.11 -14.57 12.63
CA MET B 155 12.68 -14.74 12.48
C MET B 155 12.02 -13.38 12.76
N ILE B 156 10.97 -13.04 12.00
CA ILE B 156 10.27 -11.78 12.22
C ILE B 156 8.88 -11.77 11.56
N ASP B 157 7.96 -11.02 12.15
CA ASP B 157 6.61 -10.89 11.64
C ASP B 157 6.46 -9.51 11.01
N ILE B 158 6.01 -9.50 9.75
CA ILE B 158 5.83 -8.27 9.00
C ILE B 158 4.47 -8.28 8.33
N PRO B 159 3.82 -7.11 8.25
CA PRO B 159 2.51 -7.04 7.60
C PRO B 159 2.71 -7.53 6.17
N LYS B 160 1.83 -8.41 5.72
CA LYS B 160 1.95 -8.96 4.38
C LYS B 160 2.10 -7.94 3.26
N SER B 161 1.41 -6.80 3.36
CA SER B 161 1.49 -5.82 2.29
C SER B 161 2.90 -5.32 2.02
N TYR B 162 3.75 -5.35 3.03
CA TYR B 162 5.13 -4.89 2.87
C TYR B 162 6.03 -5.89 2.17
N VAL B 163 5.68 -7.17 2.21
CA VAL B 163 6.51 -8.18 1.56
C VAL B 163 6.09 -8.21 0.11
N ASP B 164 6.70 -7.33 -0.67
CA ASP B 164 6.34 -7.20 -2.07
C ASP B 164 7.40 -6.36 -2.78
N VAL B 165 7.22 -6.21 -4.08
CA VAL B 165 8.11 -5.39 -4.86
C VAL B 165 8.15 -4.06 -4.13
N GLY B 166 9.36 -3.58 -3.85
CA GLY B 166 9.50 -2.33 -3.12
C GLY B 166 10.27 -2.61 -1.85
N MET B 167 10.46 -3.90 -1.54
CA MET B 167 11.22 -4.28 -0.36
C MET B 167 12.62 -4.63 -0.78
N LEU B 168 13.60 -3.95 -0.19
CA LEU B 168 14.99 -4.21 -0.50
C LEU B 168 15.54 -5.09 0.61
N THR B 169 16.44 -6.01 0.26
CA THR B 169 17.09 -6.89 1.22
C THR B 169 18.57 -6.50 1.24
N ARG B 170 19.09 -6.17 2.42
CA ARG B 170 20.48 -5.76 2.55
C ARG B 170 21.17 -6.59 3.62
N ALA B 171 22.22 -7.30 3.22
CA ALA B 171 22.96 -8.12 4.15
C ALA B 171 24.32 -7.50 4.37
N THR B 172 24.66 -7.22 5.62
CA THR B 172 25.96 -6.63 5.93
C THR B 172 26.85 -7.61 6.67
N PHE B 173 28.07 -7.78 6.15
CA PHE B 173 29.07 -8.67 6.74
C PHE B 173 30.36 -7.87 6.92
N LEU B 174 31.34 -8.50 7.57
CA LEU B 174 32.63 -7.86 7.79
C LEU B 174 33.67 -8.48 6.87
N GLU B 175 33.27 -9.52 6.16
CA GLU B 175 34.16 -10.21 5.24
C GLU B 175 33.40 -10.74 4.02
N GLN B 176 34.07 -10.81 2.88
CA GLN B 176 33.43 -11.36 1.69
C GLN B 176 33.57 -12.88 1.84
N TRP B 177 32.75 -13.45 2.72
CA TRP B 177 32.77 -14.89 2.96
C TRP B 177 32.51 -15.65 1.67
N PRO B 178 33.25 -16.75 1.45
CA PRO B 178 33.11 -17.59 0.25
C PRO B 178 31.75 -18.28 0.24
N GLY B 179 31.06 -18.21 -0.89
CA GLY B 179 29.77 -18.85 -1.00
C GLY B 179 28.68 -18.27 -0.12
N ALA B 180 28.79 -16.99 0.20
CA ALA B 180 27.79 -16.35 1.04
C ALA B 180 26.47 -16.21 0.31
N LYS B 181 25.38 -16.45 1.03
CA LYS B 181 24.07 -16.29 0.45
C LYS B 181 23.06 -15.99 1.53
N VAL B 182 22.09 -15.17 1.18
CA VAL B 182 21.04 -14.79 2.08
C VAL B 182 19.74 -15.25 1.46
N THR B 183 18.95 -15.95 2.26
CA THR B 183 17.68 -16.44 1.79
C THR B 183 16.55 -15.90 2.64
N VAL B 184 15.50 -15.41 2.00
CA VAL B 184 14.34 -14.93 2.73
C VAL B 184 13.26 -15.98 2.42
N MET B 185 12.83 -16.70 3.46
CA MET B 185 11.82 -17.73 3.30
C MET B 185 10.45 -17.11 3.52
N ILE B 186 9.67 -17.05 2.46
CA ILE B 186 8.36 -16.42 2.53
C ILE B 186 7.18 -17.35 2.31
N PRO B 187 6.47 -17.70 3.38
CA PRO B 187 5.31 -18.58 3.22
C PRO B 187 4.14 -17.74 2.71
N TYR B 188 3.51 -18.17 1.62
CA TYR B 188 2.36 -17.45 1.09
C TYR B 188 1.12 -18.19 1.54
N SER B 189 1.31 -19.45 1.90
CA SER B 189 0.21 -20.28 2.38
C SER B 189 0.75 -21.38 3.27
N SER B 190 -0.16 -22.07 3.92
CA SER B 190 0.17 -23.14 4.83
C SER B 190 0.99 -24.24 4.15
N THR B 191 0.78 -24.43 2.85
CA THR B 191 1.48 -25.46 2.12
C THR B 191 2.43 -24.93 1.04
N PHE B 192 2.71 -23.63 1.04
CA PHE B 192 3.60 -23.10 0.03
C PHE B 192 4.56 -22.06 0.59
N THR B 193 5.86 -22.32 0.43
CA THR B 193 6.88 -21.38 0.88
C THR B 193 7.79 -21.04 -0.31
N TRP B 194 7.97 -19.74 -0.56
CA TRP B 194 8.81 -19.25 -1.64
C TRP B 194 10.10 -18.72 -1.03
N CYS B 195 11.24 -19.13 -1.59
CA CYS B 195 12.53 -18.70 -1.07
C CYS B 195 13.35 -17.82 -2.01
N GLY B 196 13.48 -16.54 -1.62
CA GLY B 196 14.26 -15.59 -2.40
C GLY B 196 15.69 -15.65 -1.91
N GLU B 197 16.60 -15.93 -2.81
CA GLU B 197 17.98 -16.04 -2.44
C GLU B 197 18.93 -15.09 -3.15
N LEU B 198 19.82 -14.51 -2.37
CA LEU B 198 20.82 -13.59 -2.87
C LEU B 198 22.14 -14.33 -2.72
N GLY B 199 22.75 -14.67 -3.83
CA GLY B 199 24.02 -15.37 -3.79
C GLY B 199 25.13 -14.39 -4.10
N ALA B 200 26.05 -14.23 -3.18
CA ALA B 200 27.15 -13.31 -3.36
C ALA B 200 28.08 -13.76 -4.47
N ILE B 201 28.44 -12.83 -5.35
CA ILE B 201 29.38 -13.13 -6.43
C ILE B 201 30.46 -12.06 -6.45
N SER B 202 31.53 -12.32 -7.18
CA SER B 202 32.65 -11.39 -7.29
C SER B 202 32.19 -9.95 -7.45
N GLU B 203 32.77 -9.05 -6.68
CA GLU B 203 32.39 -7.65 -6.75
C GLU B 203 32.64 -7.03 -8.13
N GLU B 204 33.33 -7.75 -9.01
CA GLU B 204 33.60 -7.23 -10.33
C GLU B 204 32.62 -7.76 -11.37
N SER B 205 31.67 -8.59 -10.94
CA SER B 205 30.68 -9.15 -11.86
C SER B 205 29.42 -8.33 -11.90
N ALA B 206 28.66 -8.48 -12.98
CA ALA B 206 27.40 -7.75 -13.11
C ALA B 206 26.33 -8.59 -12.42
N PRO B 207 25.26 -7.95 -11.91
CA PRO B 207 24.20 -8.71 -11.24
C PRO B 207 23.66 -9.82 -12.15
N GLN B 208 23.29 -10.96 -11.57
CA GLN B 208 22.75 -12.08 -12.33
C GLN B 208 21.31 -12.34 -11.87
N PRO B 209 20.36 -11.54 -12.34
CA PRO B 209 18.96 -11.73 -11.95
C PRO B 209 18.40 -13.00 -12.58
N SER B 210 17.37 -13.57 -11.96
CA SER B 210 16.76 -14.78 -12.48
C SER B 210 15.76 -14.39 -13.56
N LEU B 211 15.33 -15.35 -14.35
CA LEU B 211 14.34 -15.07 -15.38
C LEU B 211 13.00 -14.97 -14.68
N SER B 212 12.70 -13.79 -14.15
CA SER B 212 11.46 -13.53 -13.45
C SER B 212 10.82 -12.25 -14.00
N ALA B 213 9.52 -12.30 -14.31
CA ALA B 213 8.86 -11.12 -14.85
C ALA B 213 7.54 -10.80 -14.17
N ARG B 214 7.18 -9.54 -14.25
CA ARG B 214 5.96 -9.02 -13.66
C ARG B 214 5.17 -8.41 -14.79
N SER B 215 3.99 -8.94 -15.06
CA SER B 215 3.19 -8.39 -16.16
C SER B 215 1.83 -7.86 -15.79
N PRO B 216 1.59 -6.56 -16.03
CA PRO B 216 0.30 -5.91 -15.72
C PRO B 216 -0.64 -6.17 -16.90
N VAL B 217 -1.32 -7.31 -16.86
CA VAL B 217 -2.22 -7.72 -17.93
C VAL B 217 -3.29 -6.67 -18.31
N CYS B 218 -4.04 -6.19 -17.33
CA CYS B 218 -5.09 -5.21 -17.61
C CYS B 218 -4.63 -3.75 -17.62
N LYS B 219 -3.53 -3.45 -18.30
CA LYS B 219 -3.05 -2.07 -18.37
C LYS B 219 -4.18 -1.17 -18.84
N ASN B 220 -4.43 -0.11 -18.07
CA ASN B 220 -5.49 0.85 -18.37
C ASN B 220 -6.82 0.10 -18.22
N SER B 221 -7.14 -0.21 -16.97
CA SER B 221 -8.36 -0.94 -16.60
C SER B 221 -9.67 -0.25 -16.97
N ALA B 222 -9.59 0.77 -17.82
CA ALA B 222 -10.78 1.50 -18.25
C ALA B 222 -11.25 0.95 -19.60
N ARG B 223 -10.30 0.55 -20.42
CA ARG B 223 -10.59 -0.01 -21.73
C ARG B 223 -11.44 -1.27 -21.65
N TYR B 224 -11.36 -1.96 -20.52
CA TYR B 224 -12.12 -3.19 -20.32
C TYR B 224 -13.42 -2.92 -19.59
N SER B 225 -13.66 -1.67 -19.25
CA SER B 225 -14.87 -1.29 -18.53
C SER B 225 -16.16 -1.65 -19.28
N THR B 226 -16.06 -1.81 -20.60
CA THR B 226 -17.23 -2.14 -21.40
C THR B 226 -16.91 -3.12 -22.51
N SER B 227 -17.94 -3.80 -23.00
CA SER B 227 -17.79 -4.77 -24.09
C SER B 227 -17.52 -3.99 -25.37
N LYS B 228 -17.52 -2.67 -25.22
CA LYS B 228 -17.31 -1.70 -26.30
C LYS B 228 -16.13 -1.94 -27.24
N PHE B 229 -15.09 -2.64 -26.78
CA PHE B 229 -13.92 -2.88 -27.61
C PHE B 229 -13.59 -4.36 -27.85
N CYS B 230 -14.34 -5.23 -27.17
CA CYS B 230 -14.14 -6.68 -27.27
C CYS B 230 -13.71 -7.16 -28.65
N GLU B 231 -14.48 -6.81 -29.67
CA GLU B 231 -14.20 -7.23 -31.04
C GLU B 231 -12.78 -6.98 -31.52
N VAL B 232 -12.30 -5.75 -31.35
CA VAL B 232 -10.95 -5.38 -31.79
C VAL B 232 -9.85 -6.03 -30.96
N ASP B 233 -10.08 -6.18 -29.66
CA ASP B 233 -9.09 -6.79 -28.78
C ASP B 233 -9.21 -8.30 -28.88
N GLY B 234 -10.01 -8.76 -29.83
CA GLY B 234 -10.19 -10.18 -30.03
C GLY B 234 -10.79 -10.93 -28.86
N CYS B 235 -11.69 -10.28 -28.13
CA CYS B 235 -12.32 -10.93 -26.99
C CYS B 235 -13.82 -11.06 -27.21
N THR B 236 -14.19 -11.97 -28.10
CA THR B 236 -15.59 -12.24 -28.43
C THR B 236 -15.81 -13.74 -28.28
N ALA B 237 -17.07 -14.15 -28.18
CA ALA B 237 -17.40 -15.56 -28.06
C ALA B 237 -16.76 -16.31 -29.22
N GLU B 238 -16.57 -15.61 -30.34
CA GLU B 238 -15.98 -16.18 -31.54
C GLU B 238 -14.53 -16.56 -31.29
N THR B 239 -13.78 -15.59 -30.76
CA THR B 239 -12.36 -15.79 -30.44
C THR B 239 -12.22 -16.68 -29.22
N GLY B 240 -13.34 -17.01 -28.59
CA GLY B 240 -13.33 -17.83 -27.41
C GLY B 240 -12.77 -17.06 -26.22
N MET B 241 -12.63 -15.75 -26.38
CA MET B 241 -12.10 -14.88 -25.34
C MET B 241 -10.64 -15.20 -25.09
N GLU B 242 -9.90 -15.50 -26.15
CA GLU B 242 -8.50 -15.85 -26.03
C GLU B 242 -7.50 -15.01 -26.82
N LYS B 243 -6.97 -13.96 -26.19
CA LYS B 243 -5.97 -13.14 -26.84
C LYS B 243 -4.65 -13.38 -26.11
N MET B 244 -4.02 -14.51 -26.43
CA MET B 244 -2.75 -14.90 -25.82
C MET B 244 -1.54 -14.12 -26.33
N SER B 245 -0.59 -13.90 -25.42
CA SER B 245 0.66 -13.21 -25.74
C SER B 245 1.77 -14.01 -25.06
N LEU B 246 2.95 -14.04 -25.67
CA LEU B 246 4.09 -14.79 -25.15
C LEU B 246 4.81 -14.14 -23.98
N LEU B 247 4.96 -14.88 -22.89
CA LEU B 247 5.65 -14.37 -21.70
C LEU B 247 7.14 -14.65 -21.80
N THR B 248 7.48 -15.91 -22.05
CA THR B 248 8.86 -16.35 -22.16
C THR B 248 9.64 -15.44 -23.10
N PRO B 249 10.83 -14.97 -22.67
CA PRO B 249 11.67 -14.10 -23.49
C PRO B 249 12.27 -14.87 -24.65
N PHE B 250 13.17 -14.23 -25.39
CA PHE B 250 13.81 -14.88 -26.52
C PHE B 250 14.77 -16.01 -26.15
N GLY B 251 15.97 -15.65 -25.71
CA GLY B 251 16.94 -16.67 -25.35
C GLY B 251 16.55 -17.44 -24.10
N GLY B 252 15.25 -17.54 -23.86
CA GLY B 252 14.77 -18.26 -22.69
C GLY B 252 14.62 -19.75 -22.92
N PRO B 253 14.52 -20.55 -21.85
CA PRO B 253 14.38 -22.00 -21.95
C PRO B 253 13.32 -22.40 -22.98
N PRO B 254 13.27 -23.69 -23.34
CA PRO B 254 12.32 -24.21 -24.32
C PRO B 254 10.85 -24.02 -23.93
N GLN B 255 10.52 -24.33 -22.68
CA GLN B 255 9.15 -24.18 -22.20
C GLN B 255 8.67 -22.76 -22.44
N GLN B 256 7.51 -22.61 -23.07
CA GLN B 256 6.97 -21.28 -23.33
C GLN B 256 5.66 -21.04 -22.61
N ALA B 257 5.56 -19.89 -21.95
CA ALA B 257 4.36 -19.51 -21.23
C ALA B 257 3.65 -18.39 -21.96
N LYS B 258 2.35 -18.31 -21.78
CA LYS B 258 1.54 -17.28 -22.42
C LYS B 258 0.40 -16.82 -21.51
N MET B 259 0.11 -15.53 -21.57
CA MET B 259 -0.96 -14.95 -20.77
C MET B 259 -2.14 -14.55 -21.65
N ASN B 260 -3.34 -14.53 -21.06
CA ASN B 260 -4.55 -14.17 -21.77
C ASN B 260 -5.02 -12.82 -21.26
N THR B 261 -5.30 -11.89 -22.17
CA THR B 261 -5.75 -10.56 -21.80
C THR B 261 -7.26 -10.46 -21.58
N CYS B 262 -8.03 -11.24 -22.33
CA CYS B 262 -9.49 -11.21 -22.23
C CYS B 262 -10.09 -11.34 -20.83
N PRO B 263 -9.44 -12.10 -19.93
CA PRO B 263 -10.05 -12.19 -18.60
C PRO B 263 -10.29 -10.82 -17.99
N CYS B 264 -9.53 -9.82 -18.46
CA CYS B 264 -9.68 -8.48 -17.94
C CYS B 264 -11.10 -7.95 -18.07
N TYR B 265 -11.81 -8.39 -19.09
CA TYR B 265 -13.20 -7.95 -19.29
C TYR B 265 -14.11 -8.54 -18.21
N TYR B 266 -13.98 -9.83 -17.96
CA TYR B 266 -14.80 -10.50 -16.95
C TYR B 266 -14.53 -9.98 -15.55
N LYS B 267 -13.49 -9.15 -15.43
CA LYS B 267 -13.15 -8.59 -14.14
C LYS B 267 -13.63 -7.14 -14.02
N TYR B 268 -13.66 -6.43 -15.15
CA TYR B 268 -14.08 -5.04 -15.17
C TYR B 268 -15.35 -4.73 -15.95
N SER B 269 -15.38 -5.12 -17.22
CA SER B 269 -16.53 -4.86 -18.08
C SER B 269 -17.87 -4.78 -17.37
N VAL B 270 -18.51 -3.63 -17.49
CA VAL B 270 -19.81 -3.39 -16.87
C VAL B 270 -20.89 -3.85 -17.83
N SER B 271 -20.55 -3.89 -19.12
CA SER B 271 -21.48 -4.31 -20.16
C SER B 271 -21.59 -5.83 -20.16
N PRO B 272 -22.77 -6.37 -20.51
CA PRO B 272 -22.95 -7.82 -20.53
C PRO B 272 -21.85 -8.49 -21.37
N LEU B 273 -21.50 -9.72 -21.01
CA LEU B 273 -20.45 -10.44 -21.73
C LEU B 273 -20.80 -11.91 -21.97
N PRO B 274 -20.24 -12.49 -23.05
CA PRO B 274 -20.48 -13.89 -23.43
C PRO B 274 -20.22 -14.84 -22.25
N ALA B 275 -21.11 -15.79 -22.05
CA ALA B 275 -20.96 -16.75 -20.95
C ALA B 275 -20.14 -17.95 -21.38
N MET B 276 -19.30 -18.45 -20.48
CA MET B 276 -18.44 -19.61 -20.75
C MET B 276 -18.21 -20.45 -19.50
N ASP B 277 -17.89 -21.73 -19.69
CA ASP B 277 -17.64 -22.64 -18.57
C ASP B 277 -16.33 -22.32 -17.85
N HIS B 278 -15.32 -21.92 -18.62
CA HIS B 278 -14.02 -21.59 -18.05
C HIS B 278 -13.25 -20.60 -18.93
N LEU B 279 -12.21 -20.02 -18.34
CA LEU B 279 -11.35 -19.08 -19.04
C LEU B 279 -9.93 -19.57 -18.83
N ILE B 280 -9.05 -19.29 -19.80
CA ILE B 280 -7.66 -19.71 -19.68
C ILE B 280 -6.80 -18.50 -19.36
N LEU B 281 -6.42 -18.37 -18.10
CA LEU B 281 -5.59 -17.25 -17.63
C LEU B 281 -4.22 -17.26 -18.27
N ALA B 282 -3.68 -18.46 -18.49
CA ALA B 282 -2.37 -18.64 -19.08
C ALA B 282 -2.12 -20.12 -19.35
N ASP B 283 -1.08 -20.42 -20.13
CA ASP B 283 -0.73 -21.80 -20.44
C ASP B 283 0.80 -21.98 -20.50
N LEU B 284 1.24 -23.22 -20.30
CA LEU B 284 2.65 -23.54 -20.32
C LEU B 284 2.94 -24.73 -21.24
N ALA B 285 3.89 -24.55 -22.15
CA ALA B 285 4.25 -25.60 -23.10
C ALA B 285 5.66 -26.12 -22.82
N GLY B 286 5.86 -27.43 -22.99
CA GLY B 286 7.16 -28.02 -22.75
C GLY B 286 7.18 -28.95 -21.57
N LEU B 287 6.01 -29.24 -21.01
CA LEU B 287 5.90 -30.12 -19.86
C LEU B 287 6.62 -31.46 -20.01
N ASP B 288 6.88 -31.87 -21.25
CA ASP B 288 7.54 -33.15 -21.48
C ASP B 288 9.02 -33.12 -21.07
N SER B 289 9.62 -31.93 -21.06
CA SER B 289 11.03 -31.80 -20.71
C SER B 289 11.29 -31.37 -19.27
N LEU B 290 10.24 -30.93 -18.57
CA LEU B 290 10.42 -30.51 -17.18
C LEU B 290 10.74 -31.71 -16.30
N THR B 291 11.42 -31.45 -15.20
CA THR B 291 11.79 -32.52 -14.28
C THR B 291 11.34 -32.23 -12.85
N SER B 292 10.97 -30.98 -12.59
CA SER B 292 10.52 -30.59 -11.26
C SER B 292 9.08 -30.10 -11.39
N PRO B 293 8.30 -30.17 -10.31
CA PRO B 293 6.90 -29.72 -10.36
C PRO B 293 6.70 -28.26 -10.78
N VAL B 294 5.54 -27.97 -11.34
CA VAL B 294 5.22 -26.61 -11.75
C VAL B 294 4.29 -26.05 -10.69
N TYR B 295 4.51 -24.79 -10.32
CA TYR B 295 3.69 -24.16 -9.30
C TYR B 295 2.94 -22.97 -9.86
N VAL B 296 1.67 -22.86 -9.51
CA VAL B 296 0.86 -21.73 -9.94
C VAL B 296 0.15 -21.20 -8.69
N MET B 297 0.40 -19.94 -8.38
CA MET B 297 -0.21 -19.32 -7.22
C MET B 297 -1.11 -18.15 -7.55
N ALA B 298 -2.28 -18.13 -6.94
CA ALA B 298 -3.22 -17.05 -7.17
C ALA B 298 -3.37 -16.17 -5.96
N ALA B 299 -3.81 -14.95 -6.23
CA ALA B 299 -4.07 -13.94 -5.21
C ALA B 299 -5.50 -13.56 -5.54
N TYR B 300 -6.41 -13.65 -4.57
CA TYR B 300 -7.80 -13.34 -4.83
C TYR B 300 -8.53 -12.93 -3.57
N PHE B 301 -9.64 -12.24 -3.75
CA PHE B 301 -10.46 -11.82 -2.62
C PHE B 301 -11.58 -12.83 -2.48
N ASP B 302 -12.09 -13.00 -1.26
CA ASP B 302 -13.15 -13.96 -1.05
C ASP B 302 -14.53 -13.34 -1.27
N SER B 303 -15.17 -13.77 -2.34
CA SER B 303 -16.50 -13.30 -2.72
C SER B 303 -17.43 -13.10 -1.53
N THR B 304 -17.78 -14.20 -0.87
CA THR B 304 -18.68 -14.19 0.28
C THR B 304 -18.65 -12.85 1.00
N HIS B 305 -19.74 -12.10 0.86
CA HIS B 305 -19.84 -10.80 1.49
C HIS B 305 -20.03 -10.96 2.99
N GLU B 306 -19.65 -9.92 3.73
CA GLU B 306 -19.78 -9.95 5.17
C GLU B 306 -20.45 -8.67 5.62
N ASN B 307 -19.95 -8.08 6.70
CA ASN B 307 -20.52 -6.84 7.20
C ASN B 307 -20.26 -5.72 6.20
N PRO B 308 -21.32 -5.17 5.59
CA PRO B 308 -21.18 -4.09 4.62
C PRO B 308 -20.63 -2.82 5.28
N VAL B 309 -20.91 -2.67 6.57
CA VAL B 309 -20.45 -1.51 7.33
C VAL B 309 -18.97 -1.58 7.68
N ARG B 310 -18.46 -2.79 7.88
CA ARG B 310 -17.06 -2.98 8.23
C ARG B 310 -16.51 -4.13 7.38
N PRO B 311 -16.42 -3.90 6.06
CA PRO B 311 -15.94 -4.89 5.10
C PRO B 311 -14.54 -5.40 5.36
N SER B 312 -14.40 -6.72 5.24
CA SER B 312 -13.11 -7.37 5.39
C SER B 312 -12.52 -7.34 3.98
N SER B 313 -11.25 -6.99 3.85
CA SER B 313 -10.61 -6.91 2.54
C SER B 313 -9.30 -7.70 2.52
N LYS B 314 -9.34 -8.87 3.15
CA LYS B 314 -8.19 -9.74 3.24
C LYS B 314 -7.91 -10.41 1.89
N LEU B 315 -6.66 -10.32 1.43
CA LEU B 315 -6.28 -10.96 0.17
C LEU B 315 -5.80 -12.38 0.45
N TYR B 316 -6.30 -13.33 -0.34
CA TYR B 316 -5.90 -14.72 -0.13
C TYR B 316 -4.91 -15.17 -1.17
N HIS B 317 -4.19 -16.22 -0.84
CA HIS B 317 -3.21 -16.83 -1.72
C HIS B 317 -3.36 -18.34 -1.64
N CYS B 318 -3.34 -18.99 -2.80
CA CYS B 318 -3.42 -20.43 -2.87
C CYS B 318 -2.50 -20.84 -3.98
N ALA B 319 -1.75 -21.91 -3.74
CA ALA B 319 -0.80 -22.39 -4.70
C ALA B 319 -1.09 -23.83 -5.11
N LEU B 320 -1.36 -24.04 -6.38
CA LEU B 320 -1.64 -25.36 -6.91
C LEU B 320 -0.34 -25.90 -7.49
N GLN B 321 -0.16 -27.21 -7.39
CA GLN B 321 1.06 -27.86 -7.85
C GLN B 321 0.86 -29.02 -8.83
N MET B 322 1.30 -28.82 -10.08
CA MET B 322 1.20 -29.82 -11.13
C MET B 322 2.47 -30.68 -11.03
N THR B 323 2.31 -32.00 -10.92
CA THR B 323 3.47 -32.86 -10.79
C THR B 323 3.52 -33.99 -11.83
N SER B 324 4.73 -34.44 -12.13
CA SER B 324 4.96 -35.51 -13.10
C SER B 324 5.14 -36.86 -12.41
N HIS B 325 4.07 -37.64 -12.30
CA HIS B 325 4.13 -38.95 -11.66
C HIS B 325 4.20 -40.06 -12.71
N ASP B 326 5.37 -40.69 -12.81
CA ASP B 326 5.60 -41.78 -13.76
C ASP B 326 5.46 -41.30 -15.21
N GLY B 327 5.43 -39.99 -15.41
CA GLY B 327 5.31 -39.45 -16.76
C GLY B 327 4.03 -38.68 -16.99
N VAL B 328 2.99 -38.97 -16.21
CA VAL B 328 1.72 -38.28 -16.34
C VAL B 328 1.63 -37.10 -15.37
N TRP B 329 1.28 -35.93 -15.89
CA TRP B 329 1.17 -34.73 -15.06
C TRP B 329 -0.18 -34.61 -14.36
N THR B 330 -0.14 -34.56 -13.03
CA THR B 330 -1.36 -34.43 -12.23
C THR B 330 -1.23 -33.22 -11.29
N SER B 331 -2.33 -32.49 -11.13
CA SER B 331 -2.34 -31.30 -10.28
C SER B 331 -3.13 -31.45 -8.99
N THR B 332 -2.71 -30.70 -7.98
CA THR B 332 -3.40 -30.72 -6.68
C THR B 332 -4.60 -29.79 -6.85
N SER B 333 -5.74 -30.13 -6.25
CA SER B 333 -6.94 -29.30 -6.39
C SER B 333 -7.37 -28.73 -5.05
N SER B 334 -8.05 -27.61 -5.10
CA SER B 334 -8.55 -26.95 -3.91
C SER B 334 -9.92 -26.36 -4.19
N GLU B 335 -10.75 -26.29 -3.15
CA GLU B 335 -12.13 -25.75 -3.29
C GLU B 335 -12.20 -24.22 -3.18
N GLN B 336 -11.42 -23.64 -2.27
CA GLN B 336 -11.42 -22.19 -2.13
C GLN B 336 -10.67 -21.58 -3.31
N CYS B 337 -9.57 -22.22 -3.70
CA CYS B 337 -8.73 -21.77 -4.81
C CYS B 337 -9.54 -21.63 -6.10
N PRO B 338 -9.70 -20.40 -6.59
CA PRO B 338 -10.45 -20.11 -7.82
C PRO B 338 -9.83 -20.57 -9.13
N ILE B 339 -8.62 -21.12 -9.08
CA ILE B 339 -7.97 -21.58 -10.30
C ILE B 339 -7.79 -23.09 -10.34
N ARG B 340 -7.67 -23.61 -11.55
CA ARG B 340 -7.46 -25.04 -11.77
C ARG B 340 -6.32 -25.24 -12.75
N LEU B 341 -5.56 -26.31 -12.54
CA LEU B 341 -4.45 -26.63 -13.43
C LEU B 341 -4.82 -27.91 -14.17
N VAL B 342 -5.10 -27.78 -15.46
CA VAL B 342 -5.44 -28.92 -16.29
C VAL B 342 -4.58 -28.83 -17.54
N GLU B 343 -4.24 -29.97 -18.12
CA GLU B 343 -3.42 -29.96 -19.32
C GLU B 343 -4.27 -29.51 -20.50
N GLY B 344 -3.61 -28.94 -21.52
CA GLY B 344 -4.32 -28.48 -22.69
C GLY B 344 -4.67 -29.63 -23.61
N GLN B 345 -4.27 -29.52 -24.87
CA GLN B 345 -4.56 -30.55 -25.85
C GLN B 345 -3.76 -31.82 -25.56
N SER B 346 -2.48 -31.66 -25.25
CA SER B 346 -1.63 -32.82 -24.95
C SER B 346 -1.06 -32.69 -23.54
N GLN B 347 -0.04 -33.49 -23.24
CA GLN B 347 0.59 -33.44 -21.93
C GLN B 347 1.69 -32.37 -21.90
N ASN B 348 2.18 -32.03 -23.07
CA ASN B 348 3.23 -31.03 -23.21
C ASN B 348 2.73 -29.65 -22.79
N VAL B 349 1.41 -29.49 -22.74
CA VAL B 349 0.82 -28.21 -22.38
C VAL B 349 0.00 -28.20 -21.10
N LEU B 350 0.20 -27.14 -20.30
CA LEU B 350 -0.51 -26.94 -19.03
C LEU B 350 -1.34 -25.67 -19.19
N GLN B 351 -2.52 -25.64 -18.57
CA GLN B 351 -3.39 -24.47 -18.64
C GLN B 351 -3.84 -24.01 -17.26
N VAL B 352 -3.97 -22.70 -17.09
CA VAL B 352 -4.45 -22.15 -15.84
C VAL B 352 -5.88 -21.75 -16.15
N ARG B 353 -6.84 -22.28 -15.41
CA ARG B 353 -8.24 -21.98 -15.65
C ARG B 353 -8.92 -21.34 -14.46
N VAL B 354 -10.04 -20.68 -14.75
CA VAL B 354 -10.84 -20.00 -13.73
C VAL B 354 -12.26 -19.81 -14.27
N ALA B 355 -13.24 -19.85 -13.39
CA ALA B 355 -14.62 -19.63 -13.79
C ALA B 355 -14.74 -18.14 -14.05
N PRO B 356 -15.31 -17.75 -15.21
CA PRO B 356 -15.47 -16.34 -15.53
C PRO B 356 -16.02 -15.53 -14.36
N THR B 357 -16.75 -16.21 -13.49
CA THR B 357 -17.37 -15.58 -12.34
C THR B 357 -16.39 -15.20 -11.23
N SER B 358 -15.14 -15.65 -11.35
CA SER B 358 -14.13 -15.35 -10.33
C SER B 358 -13.23 -14.18 -10.68
N MET B 359 -13.13 -13.87 -11.97
CA MET B 359 -12.27 -12.77 -12.42
C MET B 359 -12.42 -11.46 -11.66
N PRO B 360 -13.67 -11.02 -11.41
CA PRO B 360 -13.85 -9.77 -10.68
C PRO B 360 -13.06 -9.76 -9.37
N ASN B 361 -12.93 -10.93 -8.73
CA ASN B 361 -12.20 -11.04 -7.48
C ASN B 361 -10.77 -11.55 -7.60
N LEU B 362 -10.34 -11.85 -8.80
CA LEU B 362 -8.98 -12.34 -8.98
C LEU B 362 -8.01 -11.17 -9.12
N VAL B 363 -6.96 -11.19 -8.30
CA VAL B 363 -5.94 -10.14 -8.31
C VAL B 363 -4.79 -10.52 -9.24
N GLY B 364 -4.45 -11.81 -9.28
CA GLY B 364 -3.37 -12.25 -10.13
C GLY B 364 -3.01 -13.72 -9.98
N VAL B 365 -2.21 -14.21 -10.92
CA VAL B 365 -1.75 -15.61 -10.89
C VAL B 365 -0.28 -15.57 -11.19
N SER B 366 0.46 -16.46 -10.56
CA SER B 366 1.89 -16.50 -10.77
C SER B 366 2.34 -17.90 -11.15
N LEU B 367 3.14 -17.95 -12.20
CA LEU B 367 3.65 -19.17 -12.76
C LEU B 367 5.11 -19.38 -12.37
N MET B 368 5.40 -20.50 -11.73
CA MET B 368 6.75 -20.79 -11.28
C MET B 368 7.16 -22.19 -11.71
N LEU B 369 8.28 -22.26 -12.43
CA LEU B 369 8.81 -23.52 -12.90
C LEU B 369 10.31 -23.40 -13.08
N GLU B 370 10.96 -24.53 -13.33
CA GLU B 370 12.39 -24.55 -13.53
C GLU B 370 12.78 -23.43 -14.51
N GLY B 371 13.75 -22.62 -14.09
CA GLY B 371 14.24 -21.53 -14.92
C GLY B 371 13.35 -20.34 -15.27
N GLN B 372 12.11 -20.31 -14.77
CA GLN B 372 11.21 -19.21 -15.10
C GLN B 372 10.12 -18.91 -14.08
N GLN B 373 9.83 -17.63 -13.92
CA GLN B 373 8.78 -17.17 -13.02
C GLN B 373 8.05 -16.00 -13.66
N TYR B 374 6.74 -16.10 -13.73
CA TYR B 374 5.91 -15.04 -14.30
C TYR B 374 4.81 -14.62 -13.35
N ARG B 375 4.79 -13.34 -13.03
CA ARG B 375 3.79 -12.78 -12.14
C ARG B 375 2.81 -11.96 -12.97
N LEU B 376 1.62 -12.53 -13.21
CA LEU B 376 0.56 -11.87 -13.98
C LEU B 376 -0.37 -11.11 -13.03
N GLU B 377 -0.60 -9.84 -13.33
CA GLU B 377 -1.46 -9.03 -12.50
C GLU B 377 -2.61 -8.48 -13.33
N TYR B 378 -3.82 -8.58 -12.76
CA TYR B 378 -5.04 -8.12 -13.41
C TYR B 378 -5.48 -6.80 -12.82
N PHE B 379 -4.52 -6.05 -12.30
CA PHE B 379 -4.78 -4.75 -11.70
C PHE B 379 -3.59 -3.84 -11.99
N GLY B 380 -3.77 -2.55 -11.72
CA GLY B 380 -2.71 -1.60 -11.96
C GLY B 380 -2.57 -1.28 -13.43
N ASP B 381 -1.82 -0.22 -13.74
CA ASP B 381 -1.61 0.19 -15.13
C ASP B 381 -0.13 0.28 -15.43
N HIS B 382 0.67 -0.46 -14.65
CA HIS B 382 2.12 -0.47 -14.81
C HIS B 382 2.75 -1.55 -13.95
#